data_6HBS
#
_entry.id   6HBS
#
_cell.length_a   63.180
_cell.length_b   104.419
_cell.length_c   65.250
_cell.angle_alpha   90.00
_cell.angle_beta   109.26
_cell.angle_gamma   90.00
#
_symmetry.space_group_name_H-M   'P 1 21 1'
#
loop_
_entity.id
_entity.type
_entity.pdbx_description
1 polymer 'Aminopentol aminotransferase'
2 non-polymer "PYRIDOXAL-5'-PHOSPHATE"
3 non-polymer 'MAGNESIUM ION'
4 water water
#
_entity_poly.entity_id   1
_entity_poly.type   'polypeptide(L)'
_entity_poly.pdbx_seq_one_letter_code
;MANGTRQKDLRERAERVIPGGMYGHESTRLLPPEFPQFFRRALGARIWDADEQPYIDYMCAYGPNLLGYRQSEIEAAADA
QRLLGDTMTGPSEIMVNLAEAFVGMVRHADWAMFCKNGSDATSTAMVLARAHTGRKTILCAKGAYHGASPWNTPHTAGIL
ASDRVHVAYYTYNDAQSLSDAFKAHDGDIAAVFATPFRHEVFEDQALAQLEFARTARKCCDETGALLVVDDVRAGFRVAR
DCSWTHLGIEPDLSCWGKCFANGYPISALLGSNKARDAARDIFVTGSFWFSAVPMAAAIETLRIIRETPYLETLIASGAA
LRAGLEAQSQRHGLELKQTGPAQMPQIFFADDPDFRIGYAWAAACLKGGVYVHPYHNMFLSAAHTVDDVTETLEATDRAF
SAVLRDFASLQPHPILMQLAGAASSVDKLAAALEHHHHHH
;
_entity_poly.pdbx_strand_id   A,B
#
loop_
_chem_comp.id
_chem_comp.type
_chem_comp.name
_chem_comp.formula
MG non-polymer 'MAGNESIUM ION' 'Mg 2'
PLP non-polymer PYRIDOXAL-5'-PHOSPHATE 'C8 H10 N O6 P'
#
# COMPACT_ATOMS: atom_id res chain seq x y z
N GLY A 4 -31.05 7.71 10.34
CA GLY A 4 -30.14 6.87 9.54
C GLY A 4 -30.28 5.40 9.92
N THR A 5 -31.34 4.75 9.44
CA THR A 5 -31.66 3.35 9.75
C THR A 5 -30.50 2.43 9.29
N ARG A 6 -30.10 2.58 8.03
CA ARG A 6 -29.04 1.77 7.42
C ARG A 6 -27.72 2.09 8.14
N GLN A 7 -27.46 3.36 8.43
CA GLN A 7 -26.21 3.76 9.07
C GLN A 7 -26.09 3.10 10.46
N LYS A 8 -27.20 3.10 11.20
CA LYS A 8 -27.23 2.59 12.52
C LYS A 8 -26.94 1.08 12.50
N ASP A 9 -27.58 0.35 11.56
CA ASP A 9 -27.41 -1.10 11.36
C ASP A 9 -25.92 -1.39 11.10
N LEU A 10 -25.35 -0.60 10.17
CA LEU A 10 -23.99 -0.78 9.69
C LEU A 10 -23.01 -0.50 10.84
N ARG A 11 -23.30 0.48 11.70
CA ARG A 11 -22.41 0.78 12.83
C ARG A 11 -22.48 -0.32 13.89
N GLU A 12 -23.67 -0.88 14.14
CA GLU A 12 -23.83 -2.01 15.11
C GLU A 12 -23.00 -3.21 14.63
N ARG A 13 -23.12 -3.54 13.34
CA ARG A 13 -22.46 -4.68 12.74
C ARG A 13 -20.94 -4.43 12.72
N ALA A 14 -20.52 -3.22 12.29
CA ALA A 14 -19.13 -2.85 12.16
C ALA A 14 -18.40 -3.04 13.49
N GLU A 15 -18.99 -2.63 14.61
CA GLU A 15 -18.31 -2.70 15.90
C GLU A 15 -17.97 -4.15 16.29
N ARG A 16 -18.78 -5.12 15.83
CA ARG A 16 -18.57 -6.54 16.12
C ARG A 16 -17.32 -7.07 15.38
N VAL A 17 -17.06 -6.63 14.16
CA VAL A 17 -16.06 -7.33 13.27
C VAL A 17 -14.89 -6.44 12.85
N ILE A 18 -14.90 -5.17 13.25
CA ILE A 18 -13.85 -4.19 12.96
C ILE A 18 -13.51 -3.53 14.30
N PRO A 19 -12.23 -3.47 14.72
CA PRO A 19 -11.90 -2.90 16.02
C PRO A 19 -12.42 -1.45 16.08
N GLY A 20 -13.32 -1.21 17.05
CA GLY A 20 -13.89 0.10 17.25
C GLY A 20 -14.88 0.50 16.17
N GLY A 21 -15.27 -0.43 15.27
CA GLY A 21 -16.20 -0.14 14.14
C GLY A 21 -15.54 0.48 12.91
N MET A 22 -14.35 1.04 13.09
CA MET A 22 -13.57 1.71 12.02
C MET A 22 -12.31 2.29 12.68
N TYR A 23 -11.38 2.77 11.87
CA TYR A 23 -10.01 3.08 12.29
C TYR A 23 -9.43 4.05 11.26
N GLY A 24 -8.29 4.65 11.60
CA GLY A 24 -7.54 5.47 10.71
C GLY A 24 -8.23 6.79 10.45
N HIS A 25 -7.77 7.48 9.41
CA HIS A 25 -8.06 8.89 9.18
C HIS A 25 -9.54 9.14 8.83
N GLU A 26 -10.24 8.13 8.28
CA GLU A 26 -11.61 8.26 7.82
C GLU A 26 -12.61 7.83 8.89
N SER A 27 -12.13 7.45 10.07
CA SER A 27 -13.00 7.18 11.19
C SER A 27 -13.66 8.49 11.64
N THR A 28 -14.94 8.40 12.00
CA THR A 28 -15.72 9.52 12.50
C THR A 28 -15.66 9.62 14.04
N ARG A 29 -14.72 8.90 14.69
CA ARG A 29 -14.61 8.84 16.15
C ARG A 29 -14.53 10.26 16.77
N LEU A 30 -13.83 11.19 16.12
CA LEU A 30 -13.57 12.53 16.67
C LEU A 30 -14.49 13.59 16.04
N LEU A 31 -15.52 13.18 15.29
CA LEU A 31 -16.47 14.12 14.64
C LEU A 31 -17.79 14.13 15.39
N PRO A 32 -18.65 15.15 15.20
CA PRO A 32 -20.00 15.09 15.74
C PRO A 32 -20.72 13.81 15.31
N PRO A 33 -21.67 13.31 16.13
CA PRO A 33 -22.28 12.00 15.86
C PRO A 33 -23.14 11.96 14.59
N GLU A 34 -23.52 13.14 14.09
CA GLU A 34 -24.31 13.28 12.87
C GLU A 34 -23.52 12.85 11.63
N PHE A 35 -22.20 12.86 11.69
CA PHE A 35 -21.36 12.52 10.54
C PHE A 35 -21.56 11.04 10.21
N PRO A 36 -21.96 10.71 8.97
CA PRO A 36 -22.02 9.31 8.53
C PRO A 36 -20.61 8.68 8.38
N GLN A 37 -20.50 7.42 8.81
CA GLN A 37 -19.26 6.62 8.67
C GLN A 37 -19.20 5.91 7.31
N PHE A 38 -20.32 5.31 6.87
CA PHE A 38 -20.40 4.43 5.73
C PHE A 38 -21.20 5.05 4.58
N PHE A 39 -20.71 4.92 3.36
CA PHE A 39 -21.29 5.52 2.15
C PHE A 39 -21.73 4.45 1.15
N ARG A 40 -22.56 4.86 0.18
CA ARG A 40 -23.09 3.92 -0.81
C ARG A 40 -22.54 4.21 -2.20
N ARG A 41 -22.42 5.49 -2.57
CA ARG A 41 -22.02 5.80 -3.93
C ARG A 41 -21.49 7.24 -3.99
N ALA A 42 -20.83 7.54 -5.12
CA ALA A 42 -20.22 8.83 -5.33
C ALA A 42 -20.25 9.15 -6.81
N LEU A 43 -20.29 10.46 -7.13
CA LEU A 43 -20.28 10.94 -8.47
C LEU A 43 -20.00 12.45 -8.51
N GLY A 44 -19.07 12.85 -9.37
CA GLY A 44 -18.74 14.25 -9.53
C GLY A 44 -18.15 14.80 -8.25
N ALA A 45 -18.84 15.77 -7.62
CA ALA A 45 -18.41 16.36 -6.35
C ALA A 45 -19.33 15.93 -5.21
N ARG A 46 -20.08 14.83 -5.40
CA ARG A 46 -21.03 14.40 -4.42
C ARG A 46 -20.73 12.97 -3.94
N ILE A 47 -21.09 12.73 -2.68
CA ILE A 47 -21.15 11.40 -2.07
C ILE A 47 -22.56 11.22 -1.52
N TRP A 48 -22.98 9.95 -1.40
CA TRP A 48 -24.23 9.56 -0.76
C TRP A 48 -23.93 8.57 0.36
N ASP A 49 -24.49 8.81 1.53
CA ASP A 49 -24.30 7.95 2.68
C ASP A 49 -25.15 6.69 2.50
N ALA A 50 -25.05 5.76 3.45
CA ALA A 50 -25.76 4.45 3.36
C ALA A 50 -27.28 4.66 3.23
N ASP A 51 -27.81 5.76 3.78
CA ASP A 51 -29.25 6.07 3.80
C ASP A 51 -29.64 6.98 2.63
N GLU A 52 -28.77 7.10 1.63
CA GLU A 52 -28.99 7.75 0.35
C GLU A 52 -29.14 9.27 0.49
N GLN A 53 -28.59 9.86 1.56
CA GLN A 53 -28.52 11.33 1.69
C GLN A 53 -27.30 11.81 0.91
N PRO A 54 -27.48 12.78 -0.01
CA PRO A 54 -26.37 13.34 -0.78
C PRO A 54 -25.65 14.47 -0.03
N TYR A 55 -24.35 14.60 -0.28
CA TYR A 55 -23.56 15.69 0.25
C TYR A 55 -22.62 16.19 -0.85
N ILE A 56 -22.56 17.51 -1.00
CA ILE A 56 -21.48 18.09 -1.76
C ILE A 56 -20.21 17.90 -0.91
N ASP A 57 -19.20 17.27 -1.50
CA ASP A 57 -18.10 16.69 -0.74
C ASP A 57 -16.86 17.61 -0.77
N TYR A 58 -16.56 18.28 0.35
CA TYR A 58 -15.36 19.15 0.41
C TYR A 58 -14.17 18.39 1.01
N MET A 59 -14.29 17.06 1.20
CA MET A 59 -13.10 16.26 1.53
C MET A 59 -12.43 15.69 0.27
N CYS A 60 -13.17 15.58 -0.82
CA CYS A 60 -12.66 14.91 -2.04
C CYS A 60 -11.95 13.60 -1.65
N ALA A 61 -12.63 12.81 -0.82
CA ALA A 61 -12.14 11.48 -0.41
C ALA A 61 -10.81 11.61 0.35
N TYR A 62 -10.58 12.77 0.98
CA TYR A 62 -9.35 13.15 1.73
C TYR A 62 -8.18 13.31 0.77
N GLY A 63 -8.49 13.78 -0.43
CA GLY A 63 -7.53 14.19 -1.42
C GLY A 63 -7.71 13.54 -2.78
N PRO A 64 -7.87 12.19 -2.88
CA PRO A 64 -7.85 11.52 -4.18
C PRO A 64 -8.80 12.02 -5.28
N ASN A 65 -9.95 12.58 -4.92
CA ASN A 65 -10.90 13.02 -5.94
C ASN A 65 -10.48 14.42 -6.45
N LEU A 66 -9.62 14.43 -7.47
CA LEU A 66 -9.12 15.67 -8.08
C LEU A 66 -10.09 16.14 -9.17
N LEU A 67 -10.64 15.20 -9.96
CA LEU A 67 -11.30 15.57 -11.24
C LEU A 67 -12.77 15.19 -11.24
N GLY A 68 -13.26 14.61 -10.13
CA GLY A 68 -14.62 14.12 -10.03
C GLY A 68 -14.71 12.61 -9.95
N TYR A 69 -15.58 12.15 -9.05
CA TYR A 69 -15.80 10.75 -8.90
C TYR A 69 -16.36 10.15 -10.18
N ARG A 70 -15.73 9.05 -10.65
CA ARG A 70 -16.14 8.29 -11.83
C ARG A 70 -16.03 9.15 -13.07
N GLN A 71 -14.97 9.97 -13.11
CA GLN A 71 -14.72 10.82 -14.24
C GLN A 71 -14.57 9.95 -15.49
N SER A 72 -15.32 10.28 -16.56
CA SER A 72 -15.61 9.29 -17.57
C SER A 72 -14.37 8.95 -18.42
N GLU A 73 -13.46 9.92 -18.66
CA GLU A 73 -12.27 9.67 -19.41
C GLU A 73 -11.28 8.75 -18.64
N ILE A 74 -11.15 8.96 -17.33
CA ILE A 74 -10.24 8.13 -16.56
C ILE A 74 -10.84 6.72 -16.43
N GLU A 75 -12.17 6.61 -16.24
CA GLU A 75 -12.80 5.33 -16.12
C GLU A 75 -12.68 4.58 -17.45
N ALA A 76 -12.75 5.31 -18.59
CA ALA A 76 -12.50 4.73 -19.95
C ALA A 76 -11.06 4.18 -20.09
N ALA A 77 -10.07 4.93 -19.61
CA ALA A 77 -8.68 4.50 -19.69
C ALA A 77 -8.47 3.26 -18.81
N ALA A 78 -9.07 3.25 -17.62
CA ALA A 78 -8.95 2.11 -16.71
C ALA A 78 -9.61 0.86 -17.33
N ASP A 79 -10.79 1.05 -17.93
CA ASP A 79 -11.52 -0.03 -18.62
C ASP A 79 -10.63 -0.67 -19.70
N ALA A 80 -10.01 0.16 -20.54
CA ALA A 80 -9.19 -0.35 -21.63
C ALA A 80 -8.02 -1.20 -21.10
N GLN A 81 -7.39 -0.76 -20.01
CA GLN A 81 -6.29 -1.53 -19.44
C GLN A 81 -6.83 -2.79 -18.73
N ARG A 82 -7.98 -2.72 -18.11
CA ARG A 82 -8.54 -3.88 -17.44
C ARG A 82 -8.77 -5.05 -18.43
N LEU A 83 -9.07 -4.73 -19.70
CA LEU A 83 -9.26 -5.77 -20.72
C LEU A 83 -7.92 -6.46 -21.04
N LEU A 84 -6.80 -5.77 -20.81
CA LEU A 84 -5.49 -6.27 -21.11
C LEU A 84 -4.95 -7.07 -19.92
N GLY A 85 -4.71 -6.39 -18.79
CA GLY A 85 -4.19 -7.01 -17.59
C GLY A 85 -3.90 -5.98 -16.51
N ASP A 86 -3.90 -6.43 -15.27
CA ASP A 86 -3.73 -5.58 -14.11
C ASP A 86 -2.51 -6.08 -13.33
N THR A 87 -2.70 -7.04 -12.43
CA THR A 87 -1.62 -7.52 -11.58
C THR A 87 -1.08 -8.80 -12.21
N MET A 88 0.10 -8.69 -12.80
CA MET A 88 0.66 -9.74 -13.66
C MET A 88 2.08 -10.12 -13.16
N THR A 89 2.67 -11.14 -13.77
CA THR A 89 3.96 -11.70 -13.33
C THR A 89 5.07 -10.63 -13.45
N GLY A 90 4.85 -9.67 -14.34
CA GLY A 90 5.70 -8.49 -14.48
C GLY A 90 4.82 -7.26 -14.71
N PRO A 91 5.40 -6.04 -14.65
CA PRO A 91 4.63 -4.85 -14.96
C PRO A 91 4.20 -4.89 -16.42
N SER A 92 3.13 -4.16 -16.72
CA SER A 92 2.79 -3.78 -18.09
C SER A 92 3.86 -2.86 -18.67
N GLU A 93 4.05 -2.96 -19.99
CA GLU A 93 4.77 -1.97 -20.77
C GLU A 93 4.33 -0.53 -20.41
N ILE A 94 3.08 -0.29 -20.00
CA ILE A 94 2.61 1.09 -19.76
C ILE A 94 3.30 1.72 -18.53
N MET A 95 3.92 0.90 -17.68
CA MET A 95 4.80 1.41 -16.60
C MET A 95 5.85 2.36 -17.16
N VAL A 96 6.41 2.03 -18.32
CA VAL A 96 7.41 2.85 -18.97
C VAL A 96 6.79 4.18 -19.40
N ASN A 97 5.60 4.12 -20.00
CA ASN A 97 4.89 5.31 -20.45
C ASN A 97 4.56 6.22 -19.25
N LEU A 98 4.12 5.62 -18.15
CA LEU A 98 3.79 6.41 -16.95
C LEU A 98 5.05 7.10 -16.40
N ALA A 99 6.17 6.37 -16.27
CA ALA A 99 7.38 6.96 -15.74
C ALA A 99 7.85 8.09 -16.64
N GLU A 100 7.76 7.90 -17.97
CA GLU A 100 8.11 8.98 -18.92
C GLU A 100 7.22 10.20 -18.69
N ALA A 101 5.93 9.98 -18.54
CA ALA A 101 4.99 11.11 -18.40
C ALA A 101 5.30 11.86 -17.10
N PHE A 102 5.47 11.13 -16.01
CA PHE A 102 5.58 11.76 -14.70
C PHE A 102 6.93 12.50 -14.62
N VAL A 103 8.00 11.85 -15.08
CA VAL A 103 9.32 12.46 -15.09
C VAL A 103 9.33 13.70 -15.99
N GLY A 104 8.63 13.63 -17.13
CA GLY A 104 8.55 14.77 -18.01
C GLY A 104 7.87 15.98 -17.35
N MET A 105 6.92 15.76 -16.44
CA MET A 105 6.11 16.84 -15.87
C MET A 105 6.83 17.52 -14.69
N VAL A 106 7.74 16.80 -14.01
CA VAL A 106 8.37 17.23 -12.76
C VAL A 106 9.81 17.67 -13.08
N ARG A 107 10.04 19.00 -13.08
CA ARG A 107 11.32 19.58 -13.53
C ARG A 107 12.52 19.02 -12.76
N HIS A 108 12.42 18.78 -11.45
CA HIS A 108 13.57 18.32 -10.68
C HIS A 108 13.93 16.86 -10.99
N ALA A 109 12.99 16.09 -11.54
CA ALA A 109 13.09 14.63 -11.52
C ALA A 109 13.60 14.11 -12.87
N ASP A 110 14.39 13.02 -12.78
CA ASP A 110 14.91 12.24 -13.89
C ASP A 110 14.37 10.79 -13.86
N TRP A 111 13.84 10.35 -12.72
CA TRP A 111 13.32 8.99 -12.60
C TRP A 111 12.12 8.93 -11.67
N ALA A 112 11.36 7.83 -11.77
CA ALA A 112 10.22 7.57 -10.90
C ALA A 112 10.24 6.13 -10.38
N MET A 113 9.72 5.93 -9.16
CA MET A 113 9.38 4.63 -8.63
C MET A 113 7.92 4.69 -8.17
N PHE A 114 7.17 3.60 -8.41
CA PHE A 114 5.75 3.52 -8.11
C PHE A 114 5.53 2.51 -7.00
N CYS A 115 4.61 2.85 -6.11
CA CYS A 115 4.21 2.05 -4.94
C CYS A 115 2.70 2.21 -4.73
N LYS A 116 2.19 1.83 -3.54
CA LYS A 116 0.74 1.91 -3.31
C LYS A 116 0.39 3.12 -2.46
N ASN A 117 0.92 3.16 -1.24
CA ASN A 117 0.58 4.12 -0.22
C ASN A 117 1.54 5.31 -0.33
N GLY A 118 1.07 6.51 0.06
CA GLY A 118 1.95 7.63 0.20
C GLY A 118 3.06 7.37 1.23
N SER A 119 2.71 6.60 2.26
CA SER A 119 3.63 6.18 3.32
C SER A 119 4.79 5.33 2.73
N ASP A 120 4.50 4.54 1.67
CA ASP A 120 5.50 3.76 0.95
C ASP A 120 6.55 4.71 0.32
N ALA A 121 6.07 5.81 -0.29
CA ALA A 121 6.96 6.76 -0.98
C ALA A 121 7.81 7.51 0.05
N THR A 122 7.23 7.93 1.17
CA THR A 122 8.01 8.71 2.15
C THR A 122 9.04 7.81 2.85
N SER A 123 8.66 6.56 3.16
CA SER A 123 9.55 5.59 3.78
CA SER A 123 9.54 5.58 3.77
C SER A 123 10.70 5.23 2.82
N THR A 124 10.37 5.07 1.52
CA THR A 124 11.37 4.82 0.50
C THR A 124 12.34 5.99 0.43
N ALA A 125 11.83 7.23 0.47
CA ALA A 125 12.69 8.42 0.42
C ALA A 125 13.66 8.43 1.62
N MET A 126 13.15 8.04 2.79
CA MET A 126 13.94 8.02 4.05
C MET A 126 15.12 7.04 3.93
N VAL A 127 14.83 5.81 3.47
CA VAL A 127 15.82 4.77 3.30
C VAL A 127 16.82 5.15 2.20
N LEU A 128 16.33 5.63 1.05
CA LEU A 128 17.17 6.13 -0.04
C LEU A 128 18.18 7.15 0.50
N ALA A 129 17.70 8.14 1.25
CA ALA A 129 18.56 9.24 1.71
C ALA A 129 19.69 8.73 2.62
N ARG A 130 19.39 7.76 3.48
CA ARG A 130 20.38 7.14 4.34
C ARG A 130 21.39 6.36 3.48
N ALA A 131 20.93 5.57 2.50
CA ALA A 131 21.82 4.87 1.56
C ALA A 131 22.73 5.85 0.80
N HIS A 132 22.16 6.96 0.35
CA HIS A 132 22.83 7.93 -0.49
C HIS A 132 23.95 8.60 0.28
N THR A 133 23.66 8.98 1.52
CA THR A 133 24.59 9.83 2.27
C THR A 133 25.49 9.02 3.20
N GLY A 134 25.08 7.81 3.60
CA GLY A 134 25.76 7.04 4.64
C GLY A 134 25.58 7.67 6.02
N ARG A 135 24.56 8.52 6.20
CA ARG A 135 24.27 9.20 7.46
C ARG A 135 22.91 8.75 8.01
N LYS A 136 22.63 9.12 9.24
CA LYS A 136 21.50 8.57 9.94
C LYS A 136 20.30 9.52 10.06
N THR A 137 20.56 10.84 10.19
CA THR A 137 19.53 11.72 10.76
C THR A 137 18.58 12.22 9.66
N ILE A 138 17.30 12.02 9.93
CA ILE A 138 16.22 12.55 9.07
C ILE A 138 15.57 13.74 9.80
N LEU A 139 15.55 14.90 9.14
CA LEU A 139 14.93 16.09 9.77
C LEU A 139 13.48 16.25 9.29
N CYS A 140 12.54 16.31 10.23
CA CYS A 140 11.12 16.56 9.92
C CYS A 140 10.64 17.73 10.79
N ALA A 141 9.61 18.42 10.31
CA ALA A 141 8.95 19.49 11.05
C ALA A 141 8.12 18.87 12.17
N LYS A 142 8.16 19.48 13.38
CA LYS A 142 7.32 19.08 14.48
C LYS A 142 5.85 19.08 14.03
N GLY A 143 5.16 17.97 14.29
CA GLY A 143 3.74 17.78 13.97
C GLY A 143 3.45 17.55 12.49
N ALA A 144 4.45 17.44 11.62
CA ALA A 144 4.18 17.22 10.21
C ALA A 144 3.82 15.73 9.97
N TYR A 145 2.74 15.51 9.23
CA TYR A 145 2.27 14.16 8.88
C TYR A 145 2.92 13.69 7.58
N HIS A 146 3.70 12.59 7.65
CA HIS A 146 4.35 11.99 6.51
C HIS A 146 3.89 10.55 6.27
N GLY A 147 2.92 10.09 7.04
CA GLY A 147 2.41 8.72 6.92
C GLY A 147 2.17 8.13 8.28
N ALA A 148 1.88 6.83 8.33
CA ALA A 148 1.58 6.18 9.58
C ALA A 148 2.47 4.96 9.80
N SER A 149 3.73 5.08 9.41
CA SER A 149 4.77 4.06 9.67
C SER A 149 5.33 4.22 11.09
N PRO A 150 6.04 3.21 11.66
CA PRO A 150 6.59 3.37 13.00
C PRO A 150 7.46 4.63 13.13
N TRP A 151 8.17 5.03 12.08
CA TRP A 151 9.09 6.20 12.19
C TRP A 151 8.33 7.53 12.28
N ASN A 152 7.07 7.58 11.84
CA ASN A 152 6.44 8.90 11.69
C ASN A 152 4.97 8.94 12.16
N THR A 153 4.37 7.83 12.58
CA THR A 153 2.94 7.85 12.95
C THR A 153 2.74 8.84 14.12
N PRO A 154 1.65 9.66 14.07
CA PRO A 154 1.43 10.71 15.07
C PRO A 154 0.95 10.22 16.44
N HIS A 155 0.47 8.97 16.52
CA HIS A 155 0.08 8.39 17.78
C HIS A 155 0.94 7.13 18.01
N THR A 156 1.53 7.03 19.20
CA THR A 156 2.68 6.19 19.39
C THR A 156 2.37 4.95 20.26
N ALA A 157 1.11 4.52 20.36
CA ALA A 157 0.82 3.18 20.95
C ALA A 157 1.53 2.09 20.13
N GLY A 158 2.38 1.30 20.79
CA GLY A 158 3.13 0.21 20.15
C GLY A 158 4.37 0.67 19.40
N ILE A 159 4.73 1.95 19.53
CA ILE A 159 5.90 2.50 18.86
C ILE A 159 7.05 2.60 19.88
N LEU A 160 8.24 2.12 19.50
CA LEU A 160 9.42 2.16 20.37
C LEU A 160 10.22 3.42 20.06
N ALA A 161 10.93 3.91 21.07
CA ALA A 161 11.89 5.00 20.91
C ALA A 161 12.87 4.67 19.79
N SER A 162 13.24 3.39 19.65
CA SER A 162 14.22 2.97 18.67
C SER A 162 13.66 3.11 17.23
N ASP A 163 12.34 3.12 17.07
CA ASP A 163 11.73 3.27 15.72
C ASP A 163 12.02 4.65 15.10
N ARG A 164 12.32 5.67 15.93
CA ARG A 164 12.51 7.03 15.43
C ARG A 164 13.65 7.76 16.16
N VAL A 165 14.65 7.00 16.63
CA VAL A 165 15.74 7.58 17.40
C VAL A 165 16.59 8.49 16.49
N HIS A 166 16.61 8.24 15.17
CA HIS A 166 17.40 9.03 14.24
C HIS A 166 16.50 9.90 13.36
N VAL A 167 15.35 10.31 13.89
CA VAL A 167 14.54 11.38 13.33
C VAL A 167 14.65 12.56 14.30
N ALA A 168 14.98 13.73 13.79
CA ALA A 168 15.06 14.94 14.59
C ALA A 168 14.16 16.02 13.97
N TYR A 169 13.86 17.06 14.75
CA TYR A 169 12.73 17.94 14.42
C TYR A 169 13.19 19.39 14.38
N TYR A 170 12.50 20.16 13.53
CA TYR A 170 12.64 21.61 13.44
C TYR A 170 11.22 22.20 13.41
N THR A 171 11.11 23.51 13.60
CA THR A 171 9.80 24.23 13.50
C THR A 171 9.55 24.63 12.06
N TYR A 172 8.40 24.21 11.52
CA TYR A 172 8.06 24.52 10.15
C TYR A 172 8.08 26.04 9.97
N ASN A 173 8.60 26.51 8.82
CA ASN A 173 8.60 27.90 8.42
C ASN A 173 9.58 28.73 9.27
N ASP A 174 10.50 28.06 9.96
CA ASP A 174 11.48 28.74 10.83
C ASP A 174 12.89 28.40 10.32
N ALA A 175 13.44 29.28 9.49
CA ALA A 175 14.76 29.10 8.87
C ALA A 175 15.86 28.90 9.94
N GLN A 176 15.78 29.64 11.04
CA GLN A 176 16.78 29.52 12.14
C GLN A 176 16.69 28.12 12.75
N SER A 177 15.47 27.64 13.00
CA SER A 177 15.20 26.32 13.59
C SER A 177 15.81 25.23 12.70
N LEU A 178 15.58 25.35 11.39
CA LEU A 178 16.11 24.34 10.47
C LEU A 178 17.64 24.38 10.44
N SER A 179 18.22 25.58 10.31
CA SER A 179 19.67 25.78 10.37
CA SER A 179 19.66 25.76 10.36
C SER A 179 20.22 25.10 11.63
N ASP A 180 19.61 25.40 12.78
CA ASP A 180 20.05 24.84 14.01
C ASP A 180 19.96 23.32 13.99
N ALA A 181 18.88 22.77 13.43
CA ALA A 181 18.72 21.34 13.40
C ALA A 181 19.87 20.67 12.65
N PHE A 182 20.34 21.33 11.57
CA PHE A 182 21.47 20.82 10.80
C PHE A 182 22.73 20.77 11.69
N LYS A 183 22.89 21.78 12.56
CA LYS A 183 24.13 21.89 13.35
C LYS A 183 24.06 21.04 14.60
N ALA A 184 22.86 20.77 15.11
CA ALA A 184 22.68 19.94 16.27
C ALA A 184 23.07 18.48 15.99
N HIS A 185 23.00 18.06 14.72
CA HIS A 185 23.43 16.76 14.25
C HIS A 185 24.47 16.97 13.16
N ASP A 186 25.42 17.88 13.42
CA ASP A 186 26.36 18.30 12.43
C ASP A 186 27.03 17.08 11.77
N GLY A 187 27.06 17.05 10.43
CA GLY A 187 27.72 16.01 9.66
C GLY A 187 26.88 14.74 9.47
N ASP A 188 25.67 14.69 10.03
CA ASP A 188 24.94 13.43 10.03
C ASP A 188 23.55 13.58 9.41
N ILE A 189 23.30 14.63 8.61
CA ILE A 189 21.93 14.80 8.06
C ILE A 189 21.83 14.03 6.72
N ALA A 190 20.91 13.08 6.69
CA ALA A 190 20.65 12.29 5.48
C ALA A 190 19.66 13.04 4.59
N ALA A 191 18.64 13.65 5.22
CA ALA A 191 17.61 14.35 4.49
C ALA A 191 16.83 15.34 5.37
N VAL A 192 16.21 16.31 4.70
CA VAL A 192 15.17 17.19 5.21
C VAL A 192 13.86 16.86 4.48
N PHE A 193 12.84 16.52 5.24
CA PHE A 193 11.48 16.38 4.73
C PHE A 193 10.73 17.68 5.03
N ALA A 194 10.04 18.18 4.00
CA ALA A 194 9.13 19.32 4.12
C ALA A 194 7.85 19.05 3.30
N THR A 195 6.68 19.27 3.90
CA THR A 195 5.44 19.47 3.17
C THR A 195 5.51 20.86 2.55
N PRO A 196 4.83 21.09 1.41
CA PRO A 196 5.01 22.35 0.68
C PRO A 196 4.28 23.54 1.31
N PHE A 197 3.32 23.28 2.19
CA PHE A 197 2.82 24.27 3.15
C PHE A 197 2.46 23.53 4.44
N ARG A 198 2.09 24.27 5.49
CA ARG A 198 1.67 23.68 6.73
C ARG A 198 0.21 23.26 6.59
N HIS A 199 -0.03 21.94 6.60
CA HIS A 199 -1.36 21.35 6.42
C HIS A 199 -1.56 20.23 7.43
N GLU A 200 -1.94 20.61 8.66
CA GLU A 200 -2.12 19.64 9.75
C GLU A 200 -3.44 19.86 10.47
N VAL A 201 -3.87 18.80 11.16
CA VAL A 201 -5.13 18.78 11.89
C VAL A 201 -5.09 19.70 13.11
N PHE A 202 -6.26 20.27 13.42
CA PHE A 202 -6.48 21.11 14.60
C PHE A 202 -5.57 22.33 14.62
N GLU A 203 -5.00 22.71 13.47
CA GLU A 203 -4.06 23.80 13.42
C GLU A 203 -4.32 24.62 12.15
N ASP A 204 -4.18 25.95 12.27
CA ASP A 204 -4.27 26.87 11.14
C ASP A 204 -3.19 26.50 10.15
N GLN A 205 -3.54 26.61 8.86
CA GLN A 205 -2.62 26.38 7.77
C GLN A 205 -1.82 27.67 7.51
N ALA A 206 -0.67 27.50 6.84
CA ALA A 206 0.20 28.58 6.48
C ALA A 206 0.98 28.20 5.23
N LEU A 207 1.12 29.14 4.30
CA LEU A 207 1.94 28.97 3.12
C LEU A 207 3.42 28.89 3.53
N ALA A 208 4.24 28.21 2.70
CA ALA A 208 5.68 28.13 2.96
C ALA A 208 6.28 29.52 2.74
N GLN A 209 7.19 29.89 3.64
CA GLN A 209 7.89 31.13 3.53
C GLN A 209 9.14 30.88 2.68
N LEU A 210 9.41 31.85 1.81
CA LEU A 210 10.51 31.79 0.90
C LEU A 210 11.82 31.58 1.66
N GLU A 211 12.03 32.30 2.77
CA GLU A 211 13.32 32.23 3.42
C GLU A 211 13.48 30.82 3.98
N PHE A 212 12.37 30.21 4.43
CA PHE A 212 12.42 28.85 4.98
C PHE A 212 12.86 27.87 3.88
N ALA A 213 12.22 27.97 2.72
CA ALA A 213 12.45 27.06 1.59
C ALA A 213 13.88 27.20 1.04
N ARG A 214 14.37 28.45 0.92
CA ARG A 214 15.72 28.70 0.48
C ARG A 214 16.72 28.09 1.48
N THR A 215 16.49 28.31 2.77
CA THR A 215 17.39 27.76 3.74
C THR A 215 17.40 26.22 3.66
N ALA A 216 16.25 25.58 3.44
CA ALA A 216 16.24 24.13 3.30
C ALA A 216 17.15 23.74 2.14
N ARG A 217 17.02 24.44 1.02
CA ARG A 217 17.72 24.04 -0.21
C ARG A 217 19.22 24.28 -0.03
N LYS A 218 19.58 25.42 0.58
CA LYS A 218 20.99 25.80 0.78
C LYS A 218 21.69 24.89 1.79
N CYS A 219 21.07 24.56 2.91
CA CYS A 219 21.68 23.66 3.86
C CYS A 219 21.86 22.27 3.25
N CYS A 220 20.86 21.83 2.48
CA CYS A 220 20.98 20.54 1.81
C CYS A 220 22.16 20.59 0.83
N ASP A 221 22.20 21.65 0.01
CA ASP A 221 23.29 21.85 -0.95
C ASP A 221 24.66 21.79 -0.24
N GLU A 222 24.81 22.53 0.86
CA GLU A 222 26.14 22.63 1.48
C GLU A 222 26.54 21.31 2.14
N THR A 223 25.58 20.48 2.57
CA THR A 223 25.94 19.27 3.33
C THR A 223 25.88 17.97 2.51
N GLY A 224 25.23 18.00 1.34
CA GLY A 224 24.97 16.74 0.59
C GLY A 224 23.68 16.03 1.01
N ALA A 225 22.97 16.52 2.04
CA ALA A 225 21.70 15.95 2.47
C ALA A 225 20.69 16.13 1.34
N LEU A 226 19.72 15.21 1.23
CA LEU A 226 18.68 15.32 0.18
C LEU A 226 17.49 16.13 0.71
N LEU A 227 17.02 17.07 -0.12
CA LEU A 227 15.78 17.79 0.11
C LEU A 227 14.62 16.97 -0.46
N VAL A 228 13.70 16.62 0.41
CA VAL A 228 12.54 15.82 0.06
C VAL A 228 11.29 16.67 0.29
N VAL A 229 10.54 16.93 -0.80
CA VAL A 229 9.24 17.60 -0.64
C VAL A 229 8.16 16.52 -0.62
N ASP A 230 7.36 16.49 0.45
CA ASP A 230 6.26 15.55 0.55
C ASP A 230 5.02 16.19 -0.08
N ASP A 231 4.75 15.84 -1.35
CA ASP A 231 3.66 16.41 -2.14
C ASP A 231 2.49 15.44 -2.22
N VAL A 232 2.39 14.51 -1.26
CA VAL A 232 1.34 13.49 -1.30
C VAL A 232 -0.04 14.17 -1.19
N ARG A 233 -0.14 15.19 -0.31
CA ARG A 233 -1.38 15.86 -0.04
C ARG A 233 -1.66 16.99 -1.03
N ALA A 234 -0.66 17.85 -1.28
CA ALA A 234 -0.88 19.10 -2.06
C ALA A 234 -0.61 18.91 -3.57
N GLY A 235 0.04 17.80 -3.96
CA GLY A 235 0.46 17.62 -5.32
C GLY A 235 -0.73 17.76 -6.28
N PHE A 236 -0.53 18.60 -7.30
CA PHE A 236 -1.44 18.89 -8.39
C PHE A 236 -2.63 19.74 -7.99
N ARG A 237 -2.70 20.20 -6.74
CA ARG A 237 -3.66 21.25 -6.40
C ARG A 237 -2.94 22.60 -6.17
N VAL A 238 -1.60 22.61 -6.15
CA VAL A 238 -0.82 23.85 -6.06
C VAL A 238 -0.32 24.23 -7.46
N ALA A 239 0.15 23.25 -8.22
CA ALA A 239 0.76 23.47 -9.51
C ALA A 239 0.72 22.16 -10.31
N ARG A 240 1.15 22.23 -11.59
CA ARG A 240 1.24 21.05 -12.49
C ARG A 240 2.63 20.39 -12.35
N ASP A 241 3.36 20.81 -11.33
CA ASP A 241 4.68 20.36 -10.97
C ASP A 241 4.73 20.35 -9.43
N CYS A 242 5.89 20.03 -8.87
CA CYS A 242 6.12 20.05 -7.47
C CYS A 242 5.60 21.39 -6.92
N SER A 243 4.93 21.35 -5.76
CA SER A 243 4.26 22.48 -5.20
C SER A 243 5.22 23.62 -4.80
N TRP A 244 6.55 23.38 -4.76
CA TRP A 244 7.54 24.46 -4.52
C TRP A 244 8.03 25.12 -5.82
N THR A 245 7.43 24.79 -6.96
CA THR A 245 7.86 25.37 -8.23
C THR A 245 7.79 26.90 -8.20
N HIS A 246 6.69 27.46 -7.70
CA HIS A 246 6.47 28.93 -7.66
C HIS A 246 7.41 29.65 -6.66
N LEU A 247 8.13 28.94 -5.79
CA LEU A 247 9.20 29.50 -4.93
C LEU A 247 10.57 29.43 -5.61
N GLY A 248 10.67 28.82 -6.79
CA GLY A 248 11.97 28.62 -7.45
C GLY A 248 12.89 27.65 -6.70
N ILE A 249 12.32 26.75 -5.89
CA ILE A 249 13.12 25.81 -5.12
C ILE A 249 12.77 24.39 -5.58
N GLU A 250 13.76 23.68 -6.13
CA GLU A 250 13.61 22.30 -6.58
C GLU A 250 14.19 21.34 -5.55
N PRO A 251 13.40 20.34 -5.11
CA PRO A 251 13.94 19.30 -4.24
C PRO A 251 14.80 18.30 -5.02
N ASP A 252 15.45 17.40 -4.28
CA ASP A 252 16.12 16.24 -4.82
C ASP A 252 15.12 15.08 -5.03
N LEU A 253 14.22 14.87 -4.07
CA LEU A 253 13.16 13.85 -4.15
C LEU A 253 11.83 14.55 -3.89
N SER A 254 10.78 14.06 -4.52
CA SER A 254 9.44 14.46 -4.16
C SER A 254 8.57 13.19 -4.11
N CYS A 255 7.65 13.18 -3.15
CA CYS A 255 6.74 12.12 -2.88
C CYS A 255 5.34 12.54 -3.32
N TRP A 256 4.66 11.63 -4.01
CA TRP A 256 3.36 11.90 -4.63
C TRP A 256 2.41 10.74 -4.32
N GLY A 257 1.12 11.06 -4.27
CA GLY A 257 0.10 10.05 -4.06
C GLY A 257 -1.27 10.70 -4.09
N LYS A 258 -2.22 10.03 -3.46
CA LYS A 258 -3.65 10.42 -3.33
C LYS A 258 -4.35 10.55 -4.69
N CYS A 259 -4.04 11.60 -5.46
CA CYS A 259 -4.96 12.05 -6.48
C CYS A 259 -4.39 11.94 -7.90
N PHE A 260 -3.17 11.46 -8.10
CA PHE A 260 -2.63 11.48 -9.50
C PHE A 260 -3.17 10.35 -10.39
N ALA A 261 -4.01 9.46 -9.84
CA ALA A 261 -4.85 8.54 -10.65
C ALA A 261 -6.34 8.70 -10.25
N ASN A 262 -6.70 9.90 -9.75
CA ASN A 262 -8.05 10.31 -9.47
C ASN A 262 -8.82 9.29 -8.61
N GLY A 263 -8.13 8.61 -7.69
CA GLY A 263 -8.81 7.66 -6.77
C GLY A 263 -8.27 6.25 -6.89
N TYR A 264 -7.69 5.89 -8.04
CA TYR A 264 -6.99 4.58 -8.18
C TYR A 264 -5.75 4.56 -7.27
N PRO A 265 -5.40 3.41 -6.65
CA PRO A 265 -4.36 3.35 -5.63
C PRO A 265 -2.99 3.24 -6.27
N ILE A 266 -2.25 4.35 -6.21
CA ILE A 266 -0.91 4.41 -6.70
C ILE A 266 -0.24 5.66 -6.10
N SER A 267 1.03 5.51 -5.74
CA SER A 267 1.88 6.58 -5.15
C SER A 267 3.23 6.51 -5.85
N ALA A 268 4.06 7.54 -5.68
CA ALA A 268 5.29 7.64 -6.43
C ALA A 268 6.35 8.37 -5.64
N LEU A 269 7.59 7.95 -5.89
CA LEU A 269 8.81 8.69 -5.57
C LEU A 269 9.47 9.20 -6.86
N LEU A 270 9.62 10.52 -6.99
CA LEU A 270 10.29 11.18 -8.14
C LEU A 270 11.66 11.69 -7.67
N GLY A 271 12.71 11.46 -8.47
CA GLY A 271 14.04 11.73 -7.97
C GLY A 271 14.96 12.23 -9.06
N SER A 272 15.93 13.05 -8.68
CA SER A 272 16.93 13.53 -9.59
C SER A 272 18.02 12.47 -9.76
N ASN A 273 18.79 12.60 -10.84
CA ASN A 273 19.90 11.69 -11.16
C ASN A 273 20.90 11.59 -10.00
N LYS A 274 21.03 12.62 -9.18
CA LYS A 274 21.96 12.60 -8.05
C LYS A 274 21.68 11.37 -7.16
N ALA A 275 20.39 11.03 -7.01
CA ALA A 275 19.93 9.99 -6.07
C ALA A 275 19.71 8.62 -6.73
N ARG A 276 20.01 8.49 -8.02
CA ARG A 276 19.64 7.32 -8.81
C ARG A 276 20.35 6.06 -8.28
N ASP A 277 21.65 6.17 -7.97
CA ASP A 277 22.41 4.98 -7.53
C ASP A 277 21.85 4.43 -6.23
N ALA A 278 21.51 5.33 -5.28
CA ALA A 278 20.97 4.90 -4.00
C ALA A 278 19.59 4.24 -4.19
N ALA A 279 18.81 4.77 -5.11
CA ALA A 279 17.51 4.21 -5.45
C ALA A 279 17.67 2.77 -5.93
N ARG A 280 18.76 2.49 -6.65
CA ARG A 280 19.00 1.09 -7.12
C ARG A 280 19.51 0.17 -6.00
N ASP A 281 20.22 0.74 -5.01
CA ASP A 281 20.87 -0.07 -3.98
C ASP A 281 19.87 -0.53 -2.94
N ILE A 282 18.86 0.29 -2.64
CA ILE A 282 17.86 -0.07 -1.62
C ILE A 282 16.95 -1.16 -2.18
N PHE A 283 16.29 -1.88 -1.27
CA PHE A 283 15.30 -2.92 -1.65
C PHE A 283 13.93 -2.52 -1.09
N VAL A 284 13.06 -2.15 -2.03
CA VAL A 284 11.69 -1.77 -1.73
C VAL A 284 10.82 -2.44 -2.82
N THR A 285 9.71 -3.01 -2.39
CA THR A 285 8.80 -3.68 -3.33
C THR A 285 7.45 -3.86 -2.66
N GLY A 286 6.47 -4.28 -3.47
CA GLY A 286 5.24 -4.83 -2.98
C GLY A 286 4.48 -5.55 -4.07
N SER A 287 3.72 -6.56 -3.66
CA SER A 287 2.91 -7.41 -4.53
C SER A 287 2.15 -6.59 -5.58
N PHE A 288 1.63 -5.44 -5.17
CA PHE A 288 0.65 -4.72 -5.95
C PHE A 288 1.28 -3.51 -6.62
N TRP A 289 2.59 -3.31 -6.44
CA TRP A 289 3.25 -2.07 -6.88
C TRP A 289 3.38 -1.99 -8.40
N PHE A 290 3.24 -3.13 -9.10
CA PHE A 290 3.49 -3.23 -10.53
C PHE A 290 2.17 -3.38 -11.31
N SER A 291 1.04 -3.17 -10.63
CA SER A 291 -0.27 -3.37 -11.24
C SER A 291 -0.56 -2.25 -12.28
N ALA A 292 -1.05 -2.68 -13.47
CA ALA A 292 -1.20 -1.83 -14.62
C ALA A 292 -2.45 -0.94 -14.57
N VAL A 293 -3.57 -1.37 -14.00
CA VAL A 293 -4.81 -0.58 -14.11
C VAL A 293 -4.63 0.77 -13.40
N PRO A 294 -4.10 0.85 -12.18
CA PRO A 294 -3.84 2.15 -11.54
C PRO A 294 -2.86 2.98 -12.38
N MET A 295 -1.91 2.34 -13.08
CA MET A 295 -0.99 3.06 -13.90
C MET A 295 -1.70 3.67 -15.13
N ALA A 296 -2.65 2.93 -15.72
CA ALA A 296 -3.43 3.45 -16.86
C ALA A 296 -4.28 4.65 -16.43
N ALA A 297 -4.91 4.53 -15.26
CA ALA A 297 -5.64 5.69 -14.69
C ALA A 297 -4.71 6.90 -14.46
N ALA A 298 -3.47 6.65 -14.02
CA ALA A 298 -2.55 7.72 -13.72
C ALA A 298 -2.14 8.41 -15.02
N ILE A 299 -1.88 7.60 -16.08
CA ILE A 299 -1.49 8.19 -17.34
C ILE A 299 -2.58 9.16 -17.82
N GLU A 300 -3.84 8.75 -17.70
CA GLU A 300 -4.91 9.58 -18.23
C GLU A 300 -5.16 10.82 -17.33
N THR A 301 -5.12 10.63 -16.01
CA THR A 301 -5.17 11.74 -15.05
C THR A 301 -4.04 12.73 -15.32
N LEU A 302 -2.79 12.26 -15.47
CA LEU A 302 -1.69 13.16 -15.75
C LEU A 302 -1.92 13.90 -17.09
N ARG A 303 -2.51 13.23 -18.11
CA ARG A 303 -2.78 13.90 -19.40
C ARG A 303 -3.76 15.06 -19.18
N ILE A 304 -4.84 14.80 -18.44
CA ILE A 304 -5.81 15.79 -18.15
C ILE A 304 -5.18 16.97 -17.38
N ILE A 305 -4.24 16.67 -16.47
CA ILE A 305 -3.57 17.71 -15.69
C ILE A 305 -2.78 18.61 -16.64
N ARG A 306 -2.09 18.01 -17.61
CA ARG A 306 -1.30 18.76 -18.54
C ARG A 306 -2.20 19.54 -19.51
N GLU A 307 -3.35 19.00 -19.93
CA GLU A 307 -4.01 19.45 -21.15
C GLU A 307 -5.28 20.27 -20.90
N THR A 308 -5.73 20.40 -19.66
CA THR A 308 -7.01 21.02 -19.35
C THR A 308 -6.80 22.06 -18.25
N PRO A 309 -7.71 23.05 -18.13
CA PRO A 309 -7.67 24.04 -17.05
C PRO A 309 -8.30 23.54 -15.74
N TYR A 310 -7.98 22.28 -15.37
CA TYR A 310 -8.58 21.68 -14.19
C TYR A 310 -8.19 22.53 -12.94
N LEU A 311 -6.95 22.99 -12.93
CA LEU A 311 -6.36 23.63 -11.72
C LEU A 311 -7.02 25.00 -11.51
N GLU A 312 -7.13 25.76 -12.60
CA GLU A 312 -7.73 27.10 -12.56
C GLU A 312 -9.21 26.97 -12.16
N THR A 313 -9.87 25.92 -12.67
CA THR A 313 -11.26 25.69 -12.33
C THR A 313 -11.42 25.47 -10.81
N LEU A 314 -10.64 24.55 -10.23
CA LEU A 314 -10.87 24.17 -8.81
C LEU A 314 -10.40 25.32 -7.88
N ILE A 315 -9.43 26.10 -8.31
CA ILE A 315 -9.00 27.30 -7.57
C ILE A 315 -10.13 28.37 -7.57
N ALA A 316 -10.70 28.63 -8.75
CA ALA A 316 -11.84 29.58 -8.86
C ALA A 316 -12.99 29.15 -7.94
N SER A 317 -13.32 27.85 -7.90
CA SER A 317 -14.39 27.38 -7.00
C SER A 317 -14.02 27.64 -5.54
N GLY A 318 -12.76 27.33 -5.18
CA GLY A 318 -12.22 27.56 -3.83
C GLY A 318 -12.31 29.02 -3.42
N ALA A 319 -11.91 29.91 -4.35
CA ALA A 319 -11.92 31.38 -4.09
C ALA A 319 -13.36 31.87 -3.86
N ALA A 320 -14.31 31.35 -4.66
CA ALA A 320 -15.74 31.75 -4.56
C ALA A 320 -16.29 31.32 -3.21
N LEU A 321 -15.97 30.10 -2.79
CA LEU A 321 -16.45 29.62 -1.52
C LEU A 321 -15.89 30.49 -0.40
N ARG A 322 -14.58 30.78 -0.48
CA ARG A 322 -13.86 31.58 0.55
C ARG A 322 -14.50 32.98 0.68
N ALA A 323 -14.68 33.67 -0.45
CA ALA A 323 -15.34 35.00 -0.51
C ALA A 323 -16.74 34.93 0.11
N GLY A 324 -17.52 33.91 -0.29
CA GLY A 324 -18.84 33.72 0.23
C GLY A 324 -18.86 33.58 1.74
N LEU A 325 -17.95 32.76 2.28
CA LEU A 325 -17.92 32.46 3.72
C LEU A 325 -17.46 33.70 4.50
N GLU A 326 -16.56 34.49 3.91
CA GLU A 326 -16.11 35.71 4.54
C GLU A 326 -17.33 36.62 4.73
N ALA A 327 -18.10 36.80 3.65
CA ALA A 327 -19.27 37.73 3.65
C ALA A 327 -20.29 37.22 4.68
N GLN A 328 -20.57 35.92 4.67
CA GLN A 328 -21.57 35.36 5.60
C GLN A 328 -21.13 35.49 7.06
N SER A 329 -19.84 35.28 7.33
CA SER A 329 -19.27 35.37 8.69
C SER A 329 -19.43 36.79 9.27
N GLN A 330 -19.09 37.81 8.48
CA GLN A 330 -19.29 39.20 8.89
C GLN A 330 -20.78 39.47 9.20
N ARG A 331 -21.68 38.96 8.35
CA ARG A 331 -23.13 39.20 8.42
C ARG A 331 -23.73 38.61 9.69
N HIS A 332 -23.23 37.44 10.12
CA HIS A 332 -23.73 36.72 11.28
C HIS A 332 -22.91 37.03 12.55
N GLY A 333 -21.81 37.78 12.42
CA GLY A 333 -20.96 38.19 13.54
C GLY A 333 -20.20 37.03 14.16
N LEU A 334 -19.80 36.05 13.33
CA LEU A 334 -19.03 34.89 13.78
C LEU A 334 -17.75 34.81 12.94
N GLU A 335 -16.64 35.32 13.48
CA GLU A 335 -15.38 35.43 12.75
C GLU A 335 -14.77 34.05 12.41
N LEU A 336 -14.34 33.89 11.16
CA LEU A 336 -13.65 32.67 10.69
C LEU A 336 -12.14 32.90 10.59
N LYS A 337 -11.38 31.80 10.63
CA LYS A 337 -10.00 31.76 10.14
C LYS A 337 -9.98 30.78 8.96
N GLN A 338 -10.01 31.32 7.74
CA GLN A 338 -9.89 30.50 6.53
C GLN A 338 -8.44 30.60 6.09
N THR A 339 -7.70 29.49 6.21
CA THR A 339 -6.25 29.51 6.05
C THR A 339 -5.80 28.48 5.03
N GLY A 340 -4.58 28.69 4.54
CA GLY A 340 -4.02 27.98 3.44
C GLY A 340 -4.70 28.34 2.13
N PRO A 341 -4.30 27.68 1.03
CA PRO A 341 -4.87 27.96 -0.28
C PRO A 341 -6.38 27.72 -0.27
N ALA A 342 -7.15 28.55 -0.98
CA ALA A 342 -8.60 28.42 -1.03
C ALA A 342 -9.02 27.06 -1.59
N GLN A 343 -8.18 26.45 -2.45
CA GLN A 343 -8.48 25.11 -3.06
C GLN A 343 -8.18 23.95 -2.08
N MET A 344 -7.49 24.20 -0.96
CA MET A 344 -7.26 23.20 0.09
C MET A 344 -7.44 23.88 1.44
N PRO A 345 -8.66 24.35 1.76
CA PRO A 345 -8.85 25.27 2.87
C PRO A 345 -9.02 24.61 4.23
N GLN A 346 -8.49 25.28 5.25
CA GLN A 346 -8.78 24.99 6.64
C GLN A 346 -9.72 26.11 7.10
N ILE A 347 -10.88 25.73 7.61
CA ILE A 347 -11.94 26.70 7.93
C ILE A 347 -12.34 26.48 9.39
N PHE A 348 -11.72 27.28 10.26
CA PHE A 348 -11.96 27.28 11.67
C PHE A 348 -12.70 28.57 12.08
N PHE A 349 -13.19 28.56 13.32
CA PHE A 349 -13.73 29.77 13.96
C PHE A 349 -12.67 30.44 14.84
N ALA A 350 -12.61 31.78 14.78
CA ALA A 350 -11.77 32.54 15.74
C ALA A 350 -12.34 32.31 17.15
N ASP A 351 -11.46 32.24 18.17
CA ASP A 351 -11.87 32.18 19.61
C ASP A 351 -12.72 30.94 19.88
N ASP A 352 -12.30 29.79 19.34
CA ASP A 352 -13.04 28.51 19.47
C ASP A 352 -12.07 27.43 19.93
N PRO A 353 -11.37 27.62 21.06
CA PRO A 353 -10.23 26.77 21.39
C PRO A 353 -10.59 25.29 21.64
N ASP A 354 -11.84 24.97 22.01
CA ASP A 354 -12.19 23.56 22.14
C ASP A 354 -13.03 23.08 20.94
N PHE A 355 -13.13 23.92 19.90
CA PHE A 355 -13.73 23.54 18.61
C PHE A 355 -15.24 23.32 18.71
N ARG A 356 -15.87 23.73 19.82
CA ARG A 356 -17.32 23.48 19.99
C ARG A 356 -18.16 24.23 18.93
N ILE A 357 -17.71 25.44 18.52
CA ILE A 357 -18.42 26.22 17.50
C ILE A 357 -18.26 25.57 16.12
N GLY A 358 -17.00 25.26 15.77
CA GLY A 358 -16.67 24.64 14.50
C GLY A 358 -17.38 23.31 14.29
N TYR A 359 -17.43 22.51 15.36
CA TYR A 359 -18.07 21.21 15.34
C TYR A 359 -19.55 21.40 15.04
N ALA A 360 -20.15 22.36 15.75
CA ALA A 360 -21.61 22.56 15.63
C ALA A 360 -21.95 23.06 14.22
N TRP A 361 -21.12 23.94 13.67
CA TRP A 361 -21.32 24.53 12.36
C TRP A 361 -21.18 23.44 11.27
N ALA A 362 -20.13 22.62 11.39
CA ALA A 362 -19.90 21.55 10.42
C ALA A 362 -21.09 20.59 10.44
N ALA A 363 -21.59 20.26 11.63
CA ALA A 363 -22.69 19.30 11.73
C ALA A 363 -23.95 19.89 11.09
N ALA A 364 -24.18 21.19 11.31
CA ALA A 364 -25.36 21.89 10.78
C ALA A 364 -25.28 21.93 9.25
N CYS A 365 -24.07 22.00 8.70
CA CYS A 365 -23.90 21.96 7.25
C CYS A 365 -24.34 20.60 6.66
N LEU A 366 -24.18 19.49 7.40
CA LEU A 366 -24.64 18.15 6.92
C LEU A 366 -26.13 18.19 6.57
N LYS A 367 -26.94 18.85 7.40
CA LYS A 367 -28.40 18.92 7.18
C LYS A 367 -28.72 19.58 5.85
N GLY A 368 -27.88 20.52 5.42
CA GLY A 368 -28.05 21.19 4.15
C GLY A 368 -27.38 20.47 3.02
N GLY A 369 -26.89 19.24 3.26
CA GLY A 369 -26.30 18.47 2.17
C GLY A 369 -24.90 18.94 1.79
N VAL A 370 -24.10 19.36 2.78
CA VAL A 370 -22.73 19.76 2.55
C VAL A 370 -21.86 19.02 3.57
N TYR A 371 -20.76 18.44 3.10
CA TYR A 371 -19.79 17.80 3.97
C TYR A 371 -18.56 18.70 4.04
N VAL A 372 -18.39 19.34 5.20
CA VAL A 372 -17.20 20.11 5.52
C VAL A 372 -16.64 19.58 6.86
N HIS A 373 -15.38 19.91 7.14
CA HIS A 373 -14.64 19.25 8.19
C HIS A 373 -14.17 20.28 9.20
N PRO A 374 -14.45 20.07 10.51
CA PRO A 374 -14.07 21.04 11.53
C PRO A 374 -12.61 20.98 12.03
N TYR A 375 -11.80 19.95 11.66
CA TYR A 375 -10.40 19.94 12.16
C TYR A 375 -9.35 19.58 11.08
N HIS A 376 -9.77 19.09 9.91
CA HIS A 376 -8.88 18.65 8.85
C HIS A 376 -9.09 19.54 7.64
N ASN A 377 -8.02 19.84 6.91
CA ASN A 377 -8.18 20.66 5.74
C ASN A 377 -9.07 19.96 4.73
N MET A 378 -9.77 20.79 3.93
CA MET A 378 -10.64 20.35 2.87
C MET A 378 -9.93 20.47 1.52
N PHE A 379 -10.63 20.08 0.47
CA PHE A 379 -10.11 20.03 -0.86
C PHE A 379 -11.22 20.41 -1.86
N LEU A 380 -10.81 21.11 -2.92
CA LEU A 380 -11.67 21.33 -4.09
C LEU A 380 -11.27 20.35 -5.19
N SER A 381 -12.29 19.92 -5.96
CA SER A 381 -12.16 19.15 -7.18
C SER A 381 -12.53 20.03 -8.38
N ALA A 382 -12.02 19.66 -9.57
CA ALA A 382 -12.44 20.28 -10.82
C ALA A 382 -13.91 19.95 -11.15
N ALA A 383 -14.57 19.02 -10.43
CA ALA A 383 -15.97 18.71 -10.67
C ALA A 383 -16.92 19.57 -9.83
N HIS A 384 -16.40 20.35 -8.86
CA HIS A 384 -17.22 21.32 -8.14
C HIS A 384 -17.65 22.44 -9.13
N THR A 385 -18.96 22.64 -9.29
CA THR A 385 -19.51 23.65 -10.24
C THR A 385 -19.89 24.94 -9.52
N VAL A 386 -20.18 25.97 -10.30
CA VAL A 386 -20.67 27.25 -9.73
C VAL A 386 -21.96 26.99 -8.95
N ASP A 387 -22.86 26.14 -9.46
CA ASP A 387 -24.09 25.78 -8.75
C ASP A 387 -23.79 25.06 -7.45
N ASP A 388 -22.78 24.17 -7.46
CA ASP A 388 -22.42 23.51 -6.20
C ASP A 388 -22.05 24.56 -5.15
N VAL A 389 -21.22 25.54 -5.51
CA VAL A 389 -20.76 26.58 -4.56
C VAL A 389 -21.97 27.43 -4.12
N THR A 390 -22.90 27.73 -5.05
CA THR A 390 -24.08 28.50 -4.66
C THR A 390 -24.88 27.73 -3.63
N GLU A 391 -25.13 26.44 -3.90
CA GLU A 391 -25.93 25.61 -2.99
C GLU A 391 -25.17 25.38 -1.68
N THR A 392 -23.84 25.31 -1.75
CA THR A 392 -23.06 25.15 -0.52
C THR A 392 -23.35 26.33 0.41
N LEU A 393 -23.32 27.52 -0.17
CA LEU A 393 -23.40 28.78 0.57
C LEU A 393 -24.80 28.98 1.14
N GLU A 394 -25.83 28.40 0.51
CA GLU A 394 -27.17 28.38 1.15
C GLU A 394 -27.14 27.51 2.41
N ALA A 395 -26.42 26.39 2.36
CA ALA A 395 -26.31 25.46 3.50
C ALA A 395 -25.51 26.11 4.62
N THR A 396 -24.42 26.78 4.26
CA THR A 396 -23.52 27.36 5.25
C THR A 396 -24.22 28.55 5.94
N ASP A 397 -25.08 29.24 5.20
CA ASP A 397 -25.84 30.38 5.75
C ASP A 397 -26.75 29.87 6.86
N ARG A 398 -27.52 28.80 6.55
CA ARG A 398 -28.38 28.17 7.54
C ARG A 398 -27.58 27.65 8.74
N ALA A 399 -26.32 27.25 8.48
CA ALA A 399 -25.51 26.65 9.51
C ALA A 399 -25.06 27.73 10.50
N PHE A 400 -24.65 28.89 9.99
CA PHE A 400 -24.33 30.04 10.83
C PHE A 400 -25.53 30.39 11.72
N SER A 401 -26.75 30.41 11.14
CA SER A 401 -27.98 30.74 11.90
C SER A 401 -28.19 29.71 13.01
N ALA A 402 -28.02 28.43 12.67
CA ALA A 402 -28.27 27.36 13.64
C ALA A 402 -27.28 27.44 14.82
N VAL A 403 -26.05 27.84 14.52
CA VAL A 403 -25.01 27.98 15.55
C VAL A 403 -25.37 29.14 16.49
N LEU A 404 -25.83 30.25 15.92
CA LEU A 404 -26.23 31.43 16.72
C LEU A 404 -27.45 31.09 17.59
N ARG A 405 -28.45 30.43 17.00
CA ARG A 405 -29.65 30.02 17.71
C ARG A 405 -29.32 29.14 18.92
N ASP A 406 -28.33 28.24 18.80
CA ASP A 406 -28.03 27.24 19.84
C ASP A 406 -26.82 27.63 20.72
N PHE A 407 -26.30 28.84 20.51
CA PHE A 407 -24.95 29.19 20.94
C PHE A 407 -24.74 28.95 22.44
N ALA A 408 -25.77 29.23 23.24
CA ALA A 408 -25.71 29.06 24.69
C ALA A 408 -25.38 27.60 25.03
N SER A 409 -26.06 26.65 24.38
CA SER A 409 -26.06 25.24 24.77
C SER A 409 -24.90 24.43 24.13
N LEU A 410 -24.01 25.07 23.38
CA LEU A 410 -22.94 24.35 22.63
C LEU A 410 -22.01 23.64 23.61
N GLN A 411 -21.63 22.40 23.28
CA GLN A 411 -20.78 21.56 24.11
C GLN A 411 -19.56 21.11 23.30
N PRO A 412 -18.36 20.94 23.91
CA PRO A 412 -17.23 20.32 23.22
C PRO A 412 -17.49 18.82 23.02
N HIS A 413 -16.81 18.24 22.04
CA HIS A 413 -16.89 16.80 21.78
C HIS A 413 -16.26 16.04 22.95
N PRO A 414 -16.95 15.05 23.58
CA PRO A 414 -16.43 14.38 24.79
C PRO A 414 -15.02 13.77 24.62
N ILE A 415 -14.88 12.91 23.60
CA ILE A 415 -13.63 12.19 23.33
C ILE A 415 -12.50 13.21 23.08
N LEU A 416 -12.83 14.31 22.39
CA LEU A 416 -11.93 15.44 22.18
C LEU A 416 -11.99 16.39 23.40
N GLY B 4 12.29 -9.73 -27.54
CA GLY B 4 12.09 -9.29 -28.94
C GLY B 4 12.23 -7.79 -29.10
N THR B 5 11.71 -7.28 -30.21
CA THR B 5 11.97 -5.93 -30.62
C THR B 5 11.32 -4.93 -29.63
N ARG B 6 10.05 -5.17 -29.26
CA ARG B 6 9.31 -4.29 -28.35
C ARG B 6 9.98 -4.34 -26.97
N GLN B 7 10.37 -5.53 -26.51
CA GLN B 7 10.98 -5.71 -25.20
C GLN B 7 12.28 -4.92 -25.11
N LYS B 8 13.11 -4.96 -26.16
CA LYS B 8 14.35 -4.24 -26.18
C LYS B 8 14.10 -2.71 -26.12
N ASP B 9 13.13 -2.21 -26.89
CA ASP B 9 12.82 -0.76 -26.87
C ASP B 9 12.39 -0.35 -25.45
N LEU B 10 11.53 -1.16 -24.81
CA LEU B 10 11.00 -0.85 -23.47
C LEU B 10 12.11 -0.84 -22.44
N ARG B 11 13.05 -1.80 -22.52
CA ARG B 11 14.15 -1.87 -21.56
C ARG B 11 15.04 -0.63 -21.67
N GLU B 12 15.31 -0.22 -22.91
CA GLU B 12 16.12 1.00 -23.20
C GLU B 12 15.45 2.24 -22.59
N ARG B 13 14.15 2.40 -22.81
CA ARG B 13 13.33 3.52 -22.30
C ARG B 13 13.22 3.44 -20.77
N ALA B 14 12.99 2.24 -20.24
CA ALA B 14 12.81 2.03 -18.81
C ALA B 14 14.06 2.50 -18.05
N GLU B 15 15.24 2.14 -18.57
CA GLU B 15 16.50 2.42 -17.88
C GLU B 15 16.65 3.93 -17.64
N ARG B 16 16.13 4.75 -18.56
CA ARG B 16 16.26 6.19 -18.45
C ARG B 16 15.41 6.72 -17.28
N VAL B 17 14.17 6.21 -17.12
CA VAL B 17 13.18 6.91 -16.29
C VAL B 17 12.81 6.10 -15.05
N ILE B 18 13.38 4.89 -14.90
CA ILE B 18 13.19 4.07 -13.72
C ILE B 18 14.56 3.64 -13.24
N PRO B 19 14.90 3.71 -11.93
CA PRO B 19 16.23 3.34 -11.47
C PRO B 19 16.49 1.84 -11.76
N GLY B 20 17.54 1.58 -12.54
CA GLY B 20 17.92 0.22 -13.05
C GLY B 20 16.95 -0.34 -14.09
N GLY B 21 15.98 0.47 -14.52
CA GLY B 21 14.91 0.10 -15.47
C GLY B 21 13.78 -0.69 -14.84
N MET B 22 13.97 -1.11 -13.58
CA MET B 22 12.98 -1.81 -12.77
C MET B 22 13.60 -2.14 -11.40
N TYR B 23 12.79 -2.63 -10.46
CA TYR B 23 13.18 -2.75 -9.03
C TYR B 23 12.24 -3.75 -8.37
N GLY B 24 12.58 -4.21 -7.17
CA GLY B 24 11.71 -5.08 -6.39
C GLY B 24 11.68 -6.52 -6.88
N HIS B 25 10.70 -7.29 -6.37
CA HIS B 25 10.60 -8.75 -6.57
C HIS B 25 10.43 -9.09 -8.06
N GLU B 26 9.78 -8.21 -8.85
CA GLU B 26 9.43 -8.53 -10.26
C GLU B 26 10.52 -8.10 -11.25
N SER B 27 11.60 -7.48 -10.75
CA SER B 27 12.75 -7.21 -11.59
C SER B 27 13.32 -8.54 -12.11
N THR B 28 13.76 -8.54 -13.36
CA THR B 28 14.41 -9.71 -14.02
C THR B 28 15.93 -9.65 -13.89
N ARG B 29 16.42 -8.72 -13.06
CA ARG B 29 17.84 -8.51 -12.79
C ARG B 29 18.60 -9.82 -12.54
N LEU B 30 18.03 -10.70 -11.74
CA LEU B 30 18.74 -11.91 -11.30
C LEU B 30 18.29 -13.14 -12.12
N LEU B 31 17.55 -12.90 -13.22
CA LEU B 31 17.07 -13.98 -14.05
C LEU B 31 17.91 -14.08 -15.31
N PRO B 32 17.88 -15.22 -16.03
CA PRO B 32 18.48 -15.32 -17.34
C PRO B 32 17.92 -14.22 -18.23
N PRO B 33 18.73 -13.71 -19.18
CA PRO B 33 18.33 -12.58 -20.03
C PRO B 33 17.13 -12.80 -20.96
N GLU B 34 16.75 -14.05 -21.22
CA GLU B 34 15.61 -14.38 -22.07
C GLU B 34 14.29 -13.98 -21.39
N PHE B 35 14.28 -13.79 -20.07
CA PHE B 35 13.05 -13.53 -19.34
C PHE B 35 12.55 -12.13 -19.71
N PRO B 36 11.31 -11.97 -20.21
CA PRO B 36 10.79 -10.64 -20.50
C PRO B 36 10.48 -9.89 -19.21
N GLN B 37 10.72 -8.57 -19.21
CA GLN B 37 10.44 -7.71 -18.04
C GLN B 37 9.02 -7.16 -18.12
N PHE B 38 8.58 -6.82 -19.33
CA PHE B 38 7.38 -6.08 -19.56
C PHE B 38 6.34 -6.94 -20.32
N PHE B 39 5.08 -6.84 -19.90
CA PHE B 39 3.98 -7.65 -20.44
C PHE B 39 2.91 -6.74 -21.05
N ARG B 40 2.05 -7.38 -21.86
CA ARG B 40 0.95 -6.73 -22.55
C ARG B 40 -0.39 -7.15 -21.93
N ARG B 41 -0.62 -8.46 -21.70
CA ARG B 41 -1.93 -8.90 -21.31
C ARG B 41 -1.84 -10.21 -20.52
N ALA B 42 -2.96 -10.54 -19.87
CA ALA B 42 -3.08 -11.72 -19.10
C ALA B 42 -4.53 -12.21 -19.11
N LEU B 43 -4.71 -13.53 -19.11
CA LEU B 43 -6.02 -14.15 -19.07
C LEU B 43 -5.87 -15.60 -18.64
N GLY B 44 -6.69 -15.99 -17.66
CA GLY B 44 -6.74 -17.38 -17.15
C GLY B 44 -5.43 -17.78 -16.50
N ALA B 45 -4.67 -18.72 -17.10
CA ALA B 45 -3.39 -19.11 -16.56
C ALA B 45 -2.26 -18.67 -17.47
N ARG B 46 -2.52 -17.71 -18.37
CA ARG B 46 -1.55 -17.28 -19.35
C ARG B 46 -1.27 -15.76 -19.27
N ILE B 47 -0.02 -15.40 -19.60
CA ILE B 47 0.47 -14.03 -19.77
C ILE B 47 1.07 -13.92 -21.16
N TRP B 48 1.03 -12.71 -21.72
CA TRP B 48 1.61 -12.40 -23.00
C TRP B 48 2.61 -11.26 -22.79
N ASP B 49 3.85 -11.45 -23.24
CA ASP B 49 4.84 -10.40 -23.08
C ASP B 49 4.57 -9.30 -24.10
N ALA B 50 5.43 -8.26 -24.06
CA ALA B 50 5.22 -7.07 -24.86
C ALA B 50 5.27 -7.41 -26.37
N ASP B 51 5.90 -8.53 -26.75
CA ASP B 51 5.98 -8.92 -28.16
C ASP B 51 4.89 -9.93 -28.53
N GLU B 52 3.86 -10.05 -27.68
CA GLU B 52 2.64 -10.89 -27.85
C GLU B 52 2.95 -12.40 -27.83
N GLN B 53 4.03 -12.80 -27.17
CA GLN B 53 4.34 -14.23 -26.92
C GLN B 53 3.57 -14.68 -25.68
N PRO B 54 2.70 -15.72 -25.78
CA PRO B 54 2.03 -16.29 -24.62
C PRO B 54 2.92 -17.26 -23.84
N TYR B 55 2.72 -17.30 -22.52
CA TYR B 55 3.33 -18.30 -21.65
C TYR B 55 2.25 -18.82 -20.71
N ILE B 56 2.25 -20.13 -20.45
CA ILE B 56 1.58 -20.69 -19.28
C ILE B 56 2.40 -20.23 -18.06
N ASP B 57 1.70 -19.53 -17.16
CA ASP B 57 2.31 -18.72 -16.11
C ASP B 57 2.29 -19.49 -14.79
N TYR B 58 3.47 -19.90 -14.28
CA TYR B 58 3.54 -20.61 -13.02
C TYR B 58 3.99 -19.67 -11.89
N MET B 59 4.01 -18.36 -12.13
CA MET B 59 4.22 -17.40 -11.04
C MET B 59 2.87 -16.89 -10.51
N CYS B 60 1.82 -16.89 -11.31
CA CYS B 60 0.52 -16.35 -10.89
C CYS B 60 0.71 -14.93 -10.31
N ALA B 61 1.48 -14.11 -11.01
CA ALA B 61 1.72 -12.69 -10.62
C ALA B 61 2.45 -12.59 -9.27
N TYR B 62 3.21 -13.64 -8.92
CA TYR B 62 3.90 -13.81 -7.64
C TYR B 62 2.89 -13.99 -6.51
N GLY B 63 1.73 -14.57 -6.83
CA GLY B 63 0.75 -15.03 -5.82
C GLY B 63 -0.70 -14.60 -6.12
N PRO B 64 -0.94 -13.31 -6.43
CA PRO B 64 -2.31 -12.81 -6.53
C PRO B 64 -3.28 -13.55 -7.47
N ASN B 65 -2.79 -14.22 -8.53
CA ASN B 65 -3.69 -14.87 -9.47
C ASN B 65 -4.10 -16.26 -8.95
N LEU B 66 -5.12 -16.29 -8.10
CA LEU B 66 -5.61 -17.51 -7.48
C LEU B 66 -6.60 -18.23 -8.41
N LEU B 67 -7.46 -17.46 -9.09
CA LEU B 67 -8.63 -18.00 -9.77
C LEU B 67 -8.59 -17.81 -11.29
N GLY B 68 -7.53 -17.19 -11.81
CA GLY B 68 -7.41 -16.87 -13.18
C GLY B 68 -7.47 -15.37 -13.39
N TYR B 69 -6.65 -14.88 -14.31
CA TYR B 69 -6.63 -13.48 -14.65
C TYR B 69 -7.95 -13.12 -15.33
N ARG B 70 -8.56 -12.00 -14.89
CA ARG B 70 -9.83 -11.48 -15.43
C ARG B 70 -10.95 -12.50 -15.25
N GLN B 71 -10.92 -13.20 -14.12
CA GLN B 71 -11.97 -14.13 -13.79
C GLN B 71 -13.32 -13.39 -13.82
N SER B 72 -14.27 -13.92 -14.60
CA SER B 72 -15.39 -13.10 -15.04
C SER B 72 -16.34 -12.75 -13.88
N GLU B 73 -16.52 -13.64 -12.91
CA GLU B 73 -17.40 -13.38 -11.80
C GLU B 73 -16.84 -12.27 -10.89
N ILE B 74 -15.52 -12.31 -10.63
CA ILE B 74 -14.87 -11.28 -9.85
C ILE B 74 -14.90 -9.92 -10.59
N GLU B 75 -14.64 -9.94 -11.90
CA GLU B 75 -14.70 -8.71 -12.70
C GLU B 75 -16.12 -8.14 -12.70
N ALA B 76 -17.14 -8.99 -12.75
CA ALA B 76 -18.53 -8.47 -12.70
C ALA B 76 -18.83 -7.84 -11.33
N ALA B 77 -18.35 -8.44 -10.24
CA ALA B 77 -18.57 -7.88 -8.91
C ALA B 77 -17.83 -6.53 -8.78
N ALA B 78 -16.63 -6.42 -9.37
CA ALA B 78 -15.86 -5.20 -9.34
C ALA B 78 -16.57 -4.11 -10.16
N ASP B 79 -17.09 -4.48 -11.33
CA ASP B 79 -17.87 -3.56 -12.19
C ASP B 79 -19.05 -2.98 -11.44
N ALA B 80 -19.79 -3.84 -10.74
CA ALA B 80 -20.96 -3.43 -10.03
C ALA B 80 -20.59 -2.36 -9.00
N GLN B 81 -19.50 -2.56 -8.26
CA GLN B 81 -19.12 -1.59 -7.25
C GLN B 81 -18.59 -0.32 -7.91
N ARG B 82 -17.90 -0.47 -9.03
CA ARG B 82 -17.31 0.68 -9.67
C ARG B 82 -18.40 1.69 -10.13
N LEU B 83 -19.59 1.19 -10.46
CA LEU B 83 -20.74 2.06 -10.81
C LEU B 83 -21.22 2.84 -9.58
N LEU B 84 -20.92 2.36 -8.37
CA LEU B 84 -21.33 3.00 -7.12
C LEU B 84 -20.24 3.98 -6.65
N GLY B 85 -19.08 3.46 -6.23
CA GLY B 85 -18.02 4.33 -5.76
C GLY B 85 -16.82 3.50 -5.34
N ASP B 86 -15.63 4.11 -5.38
CA ASP B 86 -14.38 3.35 -5.04
C ASP B 86 -13.72 4.04 -3.83
N THR B 87 -12.87 5.02 -4.10
CA THR B 87 -12.21 5.78 -3.02
C THR B 87 -13.03 7.02 -2.67
N MET B 88 -13.70 6.98 -1.52
CA MET B 88 -14.67 8.01 -1.12
C MET B 88 -14.23 8.61 0.21
N THR B 89 -14.98 9.60 0.70
CA THR B 89 -14.68 10.32 1.95
C THR B 89 -14.80 9.40 3.17
N GLY B 90 -15.61 8.35 3.05
CA GLY B 90 -15.59 7.26 3.99
C GLY B 90 -15.67 5.92 3.27
N PRO B 91 -15.47 4.81 3.98
CA PRO B 91 -15.62 3.50 3.38
C PRO B 91 -17.06 3.27 2.89
N SER B 92 -17.20 2.36 1.91
CA SER B 92 -18.46 1.84 1.52
C SER B 92 -18.99 0.97 2.67
N GLU B 93 -20.33 0.95 2.77
CA GLU B 93 -21.05 -0.05 3.57
C GLU B 93 -20.54 -1.48 3.32
N ILE B 94 -20.01 -1.79 2.12
CA ILE B 94 -19.59 -3.18 1.86
C ILE B 94 -18.34 -3.54 2.69
N MET B 95 -17.68 -2.57 3.32
CA MET B 95 -16.56 -2.89 4.23
C MET B 95 -17.07 -3.76 5.38
N VAL B 96 -18.29 -3.50 5.83
CA VAL B 96 -18.89 -4.31 6.87
C VAL B 96 -19.11 -5.76 6.39
N ASN B 97 -19.74 -5.94 5.21
CA ASN B 97 -19.96 -7.25 4.60
C ASN B 97 -18.60 -8.00 4.50
N LEU B 98 -17.55 -7.31 4.04
CA LEU B 98 -16.21 -7.93 3.87
C LEU B 98 -15.68 -8.44 5.19
N ALA B 99 -15.69 -7.57 6.20
CA ALA B 99 -15.20 -7.94 7.49
C ALA B 99 -15.98 -9.15 8.04
N GLU B 100 -17.32 -9.14 7.91
CA GLU B 100 -18.14 -10.25 8.39
C GLU B 100 -17.76 -11.54 7.66
N ALA B 101 -17.58 -11.46 6.36
CA ALA B 101 -17.30 -12.64 5.58
C ALA B 101 -15.94 -13.25 5.98
N PHE B 102 -14.91 -12.39 6.05
CA PHE B 102 -13.53 -12.81 6.33
C PHE B 102 -13.45 -13.34 7.76
N VAL B 103 -14.04 -12.63 8.72
CA VAL B 103 -14.07 -13.09 10.09
C VAL B 103 -14.80 -14.45 10.20
N GLY B 104 -15.92 -14.63 9.48
CA GLY B 104 -16.68 -15.90 9.46
C GLY B 104 -15.87 -17.08 8.95
N MET B 105 -14.95 -16.84 8.01
CA MET B 105 -14.16 -17.91 7.40
C MET B 105 -12.96 -18.30 8.28
N VAL B 106 -12.49 -17.38 9.13
CA VAL B 106 -11.21 -17.58 9.83
C VAL B 106 -11.50 -17.89 11.30
N ARG B 107 -11.31 -19.16 11.67
CA ARG B 107 -11.76 -19.69 12.94
C ARG B 107 -11.18 -18.88 14.13
N HIS B 108 -9.90 -18.53 14.10
CA HIS B 108 -9.28 -17.85 15.22
C HIS B 108 -9.72 -16.39 15.33
N ALA B 109 -10.32 -15.82 14.26
CA ALA B 109 -10.47 -14.36 14.20
C ALA B 109 -11.89 -13.93 14.59
N ASP B 110 -11.96 -12.80 15.30
CA ASP B 110 -13.20 -12.09 15.70
C ASP B 110 -13.29 -10.71 15.00
N TRP B 111 -12.19 -10.20 14.43
CA TRP B 111 -12.21 -8.91 13.74
C TRP B 111 -11.19 -8.88 12.61
N ALA B 112 -11.35 -7.88 11.73
CA ALA B 112 -10.48 -7.68 10.58
C ALA B 112 -10.18 -6.20 10.40
N MET B 113 -8.97 -5.90 9.92
CA MET B 113 -8.58 -4.60 9.44
C MET B 113 -8.03 -4.77 8.02
N PHE B 114 -8.35 -3.84 7.12
CA PHE B 114 -7.94 -3.84 5.75
C PHE B 114 -6.92 -2.74 5.50
N CYS B 115 -5.94 -3.05 4.65
CA CYS B 115 -4.88 -2.14 4.22
C CYS B 115 -4.57 -2.46 2.74
N LYS B 116 -3.41 -2.01 2.21
CA LYS B 116 -3.07 -2.19 0.81
C LYS B 116 -2.05 -3.33 0.64
N ASN B 117 -0.87 -3.12 1.20
CA ASN B 117 0.26 -4.04 1.08
C ASN B 117 0.21 -5.12 2.18
N GLY B 118 0.73 -6.30 1.85
CA GLY B 118 1.00 -7.32 2.85
C GLY B 118 1.90 -6.81 3.96
N SER B 119 2.87 -5.95 3.58
CA SER B 119 3.82 -5.29 4.48
C SER B 119 3.07 -4.38 5.45
N ASP B 120 1.93 -3.82 5.01
CA ASP B 120 1.10 -3.02 5.88
C ASP B 120 0.54 -3.89 7.02
N ALA B 121 0.06 -5.11 6.65
CA ALA B 121 -0.55 -6.02 7.60
C ALA B 121 0.50 -6.53 8.60
N THR B 122 1.69 -6.90 8.09
CA THR B 122 2.74 -7.43 9.01
C THR B 122 3.23 -6.33 9.96
N SER B 123 3.43 -5.11 9.45
CA SER B 123 3.82 -3.94 10.25
CA SER B 123 3.84 -3.97 10.28
C SER B 123 2.75 -3.64 11.31
N THR B 124 1.48 -3.65 10.88
CA THR B 124 0.40 -3.40 11.81
C THR B 124 0.42 -4.45 12.94
N ALA B 125 0.63 -5.73 12.61
CA ALA B 125 0.60 -6.84 13.62
C ALA B 125 1.72 -6.63 14.65
N MET B 126 2.87 -6.15 14.16
CA MET B 126 4.09 -5.83 14.98
C MET B 126 3.80 -4.73 16.00
N VAL B 127 3.27 -3.60 15.50
CA VAL B 127 2.91 -2.47 16.32
C VAL B 127 1.79 -2.86 17.31
N LEU B 128 0.78 -3.60 16.82
CA LEU B 128 -0.33 -4.08 17.64
C LEU B 128 0.23 -4.95 18.79
N ALA B 129 1.11 -5.92 18.49
CA ALA B 129 1.63 -6.81 19.53
C ALA B 129 2.41 -6.03 20.60
N ARG B 130 3.19 -5.01 20.20
CA ARG B 130 3.93 -4.22 21.15
C ARG B 130 2.93 -3.47 22.04
N ALA B 131 1.89 -2.89 21.44
CA ALA B 131 0.87 -2.15 22.23
C ALA B 131 0.15 -3.09 23.20
N HIS B 132 -0.18 -4.30 22.72
CA HIS B 132 -0.96 -5.28 23.49
C HIS B 132 -0.18 -5.71 24.74
N THR B 133 1.11 -5.97 24.58
CA THR B 133 1.96 -6.60 25.62
C THR B 133 2.72 -5.57 26.45
N GLY B 134 3.01 -4.40 25.87
CA GLY B 134 3.92 -3.44 26.46
C GLY B 134 5.37 -3.91 26.44
N ARG B 135 5.68 -4.89 25.58
CA ARG B 135 6.99 -5.43 25.43
C ARG B 135 7.54 -5.04 24.05
N LYS B 136 8.85 -5.29 23.86
CA LYS B 136 9.56 -4.75 22.73
C LYS B 136 9.87 -5.81 21.67
N THR B 137 10.18 -7.05 22.09
CA THR B 137 10.88 -7.98 21.19
C THR B 137 9.90 -8.74 20.31
N ILE B 138 10.19 -8.71 19.00
CA ILE B 138 9.49 -9.47 17.98
C ILE B 138 10.42 -10.61 17.53
N LEU B 139 9.94 -11.86 17.61
CA LEU B 139 10.69 -13.02 17.15
C LEU B 139 10.25 -13.41 15.73
N CYS B 140 11.22 -13.52 14.83
CA CYS B 140 11.04 -13.96 13.44
C CYS B 140 12.07 -15.05 13.13
N ALA B 141 11.79 -15.87 12.12
CA ALA B 141 12.73 -16.89 11.70
C ALA B 141 13.83 -16.23 10.87
N LYS B 142 15.09 -16.67 11.07
CA LYS B 142 16.19 -16.22 10.23
C LYS B 142 15.83 -16.47 8.77
N GLY B 143 16.01 -15.42 7.96
CA GLY B 143 15.77 -15.43 6.53
C GLY B 143 14.30 -15.43 6.13
N ALA B 144 13.36 -15.29 7.08
CA ALA B 144 11.89 -15.29 6.68
C ALA B 144 11.51 -13.90 6.11
N TYR B 145 10.85 -13.88 4.95
CA TYR B 145 10.40 -12.64 4.32
C TYR B 145 9.00 -12.27 4.88
N HIS B 146 8.91 -11.10 5.51
CA HIS B 146 7.63 -10.58 6.02
C HIS B 146 7.25 -9.23 5.39
N GLY B 147 7.97 -8.81 4.35
CA GLY B 147 7.81 -7.49 3.73
C GLY B 147 9.13 -6.78 3.49
N ALA B 148 9.06 -5.53 3.04
CA ALA B 148 10.25 -4.74 2.73
C ALA B 148 10.18 -3.38 3.45
N SER B 149 9.77 -3.43 4.72
CA SER B 149 9.80 -2.31 5.64
C SER B 149 11.19 -2.25 6.28
N PRO B 150 11.60 -1.12 6.88
CA PRO B 150 12.95 -1.08 7.49
C PRO B 150 13.18 -2.19 8.53
N TRP B 151 12.14 -2.62 9.24
CA TRP B 151 12.32 -3.64 10.30
C TRP B 151 12.57 -5.03 9.72
N ASN B 152 12.18 -5.28 8.45
CA ASN B 152 12.24 -6.68 7.95
C ASN B 152 12.89 -6.83 6.56
N THR B 153 13.17 -5.73 5.84
CA THR B 153 13.62 -5.83 4.45
C THR B 153 14.90 -6.67 4.36
N PRO B 154 14.98 -7.59 3.37
CA PRO B 154 16.10 -8.53 3.27
C PRO B 154 17.43 -7.89 2.87
N HIS B 155 17.40 -6.74 2.19
CA HIS B 155 18.63 -6.06 1.82
C HIS B 155 18.68 -4.72 2.54
N THR B 156 19.82 -4.43 3.19
CA THR B 156 19.82 -3.46 4.26
C THR B 156 20.58 -2.18 3.88
N ALA B 157 20.74 -1.88 2.58
CA ALA B 157 21.19 -0.55 2.19
C ALA B 157 20.18 0.50 2.72
N GLY B 158 20.68 1.51 3.42
CA GLY B 158 19.84 2.59 4.03
C GLY B 158 19.11 2.18 5.30
N ILE B 159 19.36 0.97 5.82
CA ILE B 159 18.70 0.46 7.00
C ILE B 159 19.65 0.64 8.20
N LEU B 160 19.11 1.15 9.32
CA LEU B 160 19.92 1.39 10.53
C LEU B 160 19.77 0.20 11.48
N ALA B 161 20.79 -0.04 12.32
CA ALA B 161 20.68 -1.09 13.32
C ALA B 161 19.44 -0.84 14.18
N SER B 162 19.14 0.44 14.46
CA SER B 162 18.03 0.83 15.34
C SER B 162 16.67 0.48 14.71
N ASP B 163 16.64 0.30 13.38
CA ASP B 163 15.37 -0.09 12.68
C ASP B 163 14.90 -1.50 13.12
N ARG B 164 15.83 -2.36 13.59
CA ARG B 164 15.48 -3.73 13.92
C ARG B 164 16.18 -4.22 15.20
N VAL B 165 16.48 -3.30 16.10
CA VAL B 165 17.24 -3.66 17.30
C VAL B 165 16.37 -4.52 18.23
N HIS B 166 15.03 -4.44 18.12
CA HIS B 166 14.13 -5.26 18.92
C HIS B 166 13.41 -6.33 18.10
N VAL B 167 14.06 -6.80 17.03
CA VAL B 167 13.68 -7.97 16.32
C VAL B 167 14.76 -9.01 16.67
N ALA B 168 14.34 -10.18 17.14
CA ALA B 168 15.32 -11.28 17.38
C ALA B 168 14.87 -12.51 16.57
N TYR B 169 15.76 -13.51 16.42
CA TYR B 169 15.60 -14.53 15.42
C TYR B 169 15.72 -15.92 16.04
N TYR B 170 15.01 -16.86 15.42
CA TYR B 170 15.09 -18.26 15.71
C TYR B 170 15.25 -19.02 14.38
N THR B 171 15.55 -20.31 14.48
CA THR B 171 15.62 -21.19 13.32
C THR B 171 14.23 -21.80 13.04
N TYR B 172 13.76 -21.58 11.81
CA TYR B 172 12.47 -22.07 11.41
C TYR B 172 12.44 -23.59 11.60
N ASN B 173 11.34 -24.11 12.16
CA ASN B 173 11.06 -25.54 12.29
C ASN B 173 11.94 -26.16 13.38
N ASP B 174 12.59 -25.33 14.20
CA ASP B 174 13.40 -25.83 15.33
C ASP B 174 12.74 -25.34 16.62
N ALA B 175 11.96 -26.21 17.26
CA ALA B 175 11.19 -25.83 18.42
C ALA B 175 12.09 -25.35 19.56
N GLN B 176 13.25 -25.99 19.71
CA GLN B 176 14.18 -25.65 20.79
C GLN B 176 14.74 -24.24 20.58
N SER B 177 15.13 -23.95 19.34
CA SER B 177 15.60 -22.64 18.94
C SER B 177 14.58 -21.55 19.33
N LEU B 178 13.28 -21.81 19.07
CA LEU B 178 12.24 -20.82 19.36
C LEU B 178 12.07 -20.64 20.87
N SER B 179 11.99 -21.76 21.58
CA SER B 179 11.86 -21.79 22.99
C SER B 179 13.05 -21.06 23.64
N ASP B 180 14.26 -21.30 23.11
CA ASP B 180 15.45 -20.61 23.60
C ASP B 180 15.35 -19.09 23.36
N ALA B 181 14.80 -18.67 22.21
CA ALA B 181 14.70 -17.24 21.89
C ALA B 181 13.73 -16.55 22.86
N PHE B 182 12.70 -17.29 23.30
CA PHE B 182 11.78 -16.78 24.34
C PHE B 182 12.56 -16.46 25.61
N LYS B 183 13.47 -17.38 25.98
CA LYS B 183 14.17 -17.33 27.26
C LYS B 183 15.27 -16.27 27.22
N ALA B 184 15.84 -16.07 26.04
CA ALA B 184 16.88 -15.10 25.87
C ALA B 184 16.35 -13.67 26.07
N HIS B 185 15.03 -13.47 25.96
CA HIS B 185 14.41 -12.16 26.12
C HIS B 185 13.23 -12.32 27.09
N ASP B 186 13.53 -12.94 28.24
CA ASP B 186 12.52 -13.36 29.15
C ASP B 186 11.66 -12.17 29.56
N GLY B 187 10.34 -12.34 29.41
CA GLY B 187 9.36 -11.34 29.76
C GLY B 187 9.32 -10.15 28.81
N ASP B 188 10.05 -10.21 27.68
CA ASP B 188 10.05 -9.09 26.73
C ASP B 188 9.52 -9.50 25.34
N ILE B 189 8.81 -10.63 25.20
CA ILE B 189 8.35 -11.03 23.86
C ILE B 189 6.94 -10.47 23.60
N ALA B 190 6.84 -9.63 22.56
CA ALA B 190 5.59 -9.06 22.13
C ALA B 190 4.87 -10.04 21.21
N ALA B 191 5.63 -10.67 20.30
CA ALA B 191 5.06 -11.55 19.30
C ALA B 191 6.11 -12.52 18.77
N VAL B 192 5.61 -13.64 18.25
CA VAL B 192 6.29 -14.54 17.35
C VAL B 192 5.62 -14.42 15.98
N PHE B 193 6.41 -14.17 14.93
CA PHE B 193 5.94 -14.26 13.56
C PHE B 193 6.42 -15.58 12.96
N ALA B 194 5.52 -16.25 12.25
CA ALA B 194 5.87 -17.45 11.49
C ALA B 194 5.10 -17.48 10.18
N THR B 195 5.79 -17.74 9.07
CA THR B 195 5.15 -18.20 7.84
C THR B 195 4.69 -19.64 8.07
N PRO B 196 3.63 -20.07 7.38
CA PRO B 196 3.05 -21.38 7.69
C PRO B 196 3.86 -22.56 7.16
N PHE B 197 4.71 -22.31 6.17
CA PHE B 197 5.84 -23.21 5.80
C PHE B 197 7.04 -22.34 5.45
N ARG B 198 8.20 -22.97 5.22
CA ARG B 198 9.40 -22.24 4.77
C ARG B 198 9.30 -22.02 3.26
N HIS B 199 9.18 -20.75 2.85
CA HIS B 199 9.03 -20.35 1.43
C HIS B 199 9.91 -19.13 1.15
N GLU B 200 11.20 -19.38 0.86
CA GLU B 200 12.19 -18.33 0.69
C GLU B 200 12.99 -18.60 -0.58
N VAL B 201 13.58 -17.54 -1.14
CA VAL B 201 14.33 -17.57 -2.39
C VAL B 201 15.67 -18.33 -2.21
N PHE B 202 16.05 -19.08 -3.23
CA PHE B 202 17.38 -19.76 -3.32
C PHE B 202 17.50 -20.87 -2.25
N GLU B 203 16.39 -21.33 -1.67
CA GLU B 203 16.43 -22.31 -0.59
C GLU B 203 15.30 -23.31 -0.80
N ASP B 204 15.57 -24.58 -0.47
CA ASP B 204 14.55 -25.59 -0.53
C ASP B 204 13.46 -25.16 0.45
N GLN B 205 12.21 -25.47 0.09
CA GLN B 205 11.06 -25.27 0.97
C GLN B 205 10.92 -26.48 1.88
N ALA B 206 10.15 -26.29 2.95
CA ALA B 206 9.91 -27.34 3.93
C ALA B 206 8.56 -27.06 4.59
N LEU B 207 7.75 -28.11 4.79
CA LEU B 207 6.48 -27.97 5.49
C LEU B 207 6.75 -27.68 6.96
N ALA B 208 5.76 -27.07 7.63
CA ALA B 208 5.88 -26.75 9.05
C ALA B 208 5.77 -28.05 9.86
N GLN B 209 6.66 -28.21 10.83
CA GLN B 209 6.65 -29.35 11.75
C GLN B 209 5.65 -29.06 12.86
N LEU B 210 4.84 -30.06 13.19
CA LEU B 210 3.81 -29.95 14.23
C LEU B 210 4.44 -29.54 15.57
N GLU B 211 5.60 -30.08 15.91
CA GLU B 211 6.14 -29.78 17.24
C GLU B 211 6.62 -28.33 17.28
N PHE B 212 7.07 -27.81 16.14
CA PHE B 212 7.45 -26.40 16.03
C PHE B 212 6.22 -25.52 16.25
N ALA B 213 5.13 -25.84 15.54
CA ALA B 213 3.91 -25.02 15.63
C ALA B 213 3.33 -25.09 17.04
N ARG B 214 3.34 -26.27 17.67
CA ARG B 214 2.79 -26.40 19.01
C ARG B 214 3.64 -25.60 20.00
N THR B 215 4.96 -25.68 19.85
CA THR B 215 5.85 -24.89 20.74
C THR B 215 5.57 -23.38 20.62
N ALA B 216 5.38 -22.89 19.40
CA ALA B 216 5.08 -21.45 19.18
C ALA B 216 3.81 -21.07 19.95
N ARG B 217 2.76 -21.90 19.81
CA ARG B 217 1.45 -21.66 20.45
C ARG B 217 1.62 -21.70 21.97
N LYS B 218 2.31 -22.73 22.47
CA LYS B 218 2.45 -22.95 23.90
C LYS B 218 3.30 -21.82 24.52
N CYS B 219 4.44 -21.48 23.91
CA CYS B 219 5.24 -20.37 24.45
C CYS B 219 4.46 -19.03 24.45
N CYS B 220 3.69 -18.77 23.38
CA CYS B 220 2.84 -17.58 23.36
C CYS B 220 1.80 -17.67 24.48
N ASP B 221 1.15 -18.84 24.63
CA ASP B 221 0.14 -19.03 25.69
C ASP B 221 0.75 -18.74 27.07
N GLU B 222 1.94 -19.29 27.33
CA GLU B 222 2.60 -19.16 28.65
C GLU B 222 3.00 -17.70 28.94
N THR B 223 3.36 -16.91 27.93
CA THR B 223 4.00 -15.59 28.14
C THR B 223 3.06 -14.41 27.85
N GLY B 224 1.98 -14.66 27.10
CA GLY B 224 1.09 -13.61 26.69
C GLY B 224 1.54 -12.91 25.42
N ALA B 225 2.67 -13.31 24.83
CA ALA B 225 3.05 -12.88 23.48
C ALA B 225 1.95 -13.29 22.49
N LEU B 226 1.81 -12.51 21.40
CA LEU B 226 0.86 -12.87 20.31
C LEU B 226 1.55 -13.77 19.28
N LEU B 227 0.90 -14.88 18.96
CA LEU B 227 1.36 -15.71 17.85
C LEU B 227 0.79 -15.13 16.54
N VAL B 228 1.66 -14.75 15.59
CA VAL B 228 1.26 -14.18 14.31
C VAL B 228 1.64 -15.14 13.18
N VAL B 229 0.65 -15.66 12.45
CA VAL B 229 0.95 -16.40 11.24
C VAL B 229 0.85 -15.46 10.05
N ASP B 230 1.93 -15.37 9.28
CA ASP B 230 2.01 -14.56 8.09
C ASP B 230 1.55 -15.41 6.91
N ASP B 231 0.27 -15.28 6.57
CA ASP B 231 -0.38 -16.07 5.53
C ASP B 231 -0.48 -15.28 4.23
N VAL B 232 0.37 -14.25 4.08
CA VAL B 232 0.24 -13.37 2.90
C VAL B 232 0.55 -14.17 1.63
N ARG B 233 1.54 -15.08 1.70
CA ARG B 233 1.94 -15.83 0.53
C ARG B 233 1.09 -17.11 0.35
N ALA B 234 0.84 -17.83 1.45
CA ALA B 234 0.28 -19.19 1.39
C ALA B 234 -1.26 -19.20 1.48
N GLY B 235 -1.83 -18.09 1.97
CA GLY B 235 -3.23 -18.03 2.32
C GLY B 235 -4.09 -18.41 1.13
N PHE B 236 -5.00 -19.36 1.37
CA PHE B 236 -6.03 -19.84 0.43
C PHE B 236 -5.45 -20.80 -0.61
N ARG B 237 -4.13 -21.09 -0.57
CA ARG B 237 -3.59 -22.22 -1.37
C ARG B 237 -3.27 -23.42 -0.48
N VAL B 238 -3.34 -23.28 0.85
CA VAL B 238 -3.16 -24.40 1.75
C VAL B 238 -4.53 -24.91 2.22
N ALA B 239 -5.37 -23.96 2.62
CA ALA B 239 -6.68 -24.23 3.16
C ALA B 239 -7.61 -23.03 2.88
N ARG B 240 -8.89 -23.19 3.27
CA ARG B 240 -9.93 -22.16 3.15
C ARG B 240 -9.99 -21.34 4.45
N ASP B 241 -9.03 -21.58 5.34
CA ASP B 241 -8.82 -20.90 6.57
C ASP B 241 -7.29 -20.72 6.68
N CYS B 242 -6.83 -20.15 7.78
CA CYS B 242 -5.39 -20.01 8.11
C CYS B 242 -4.68 -21.34 7.83
N SER B 243 -3.52 -21.25 7.20
CA SER B 243 -2.77 -22.37 6.71
C SER B 243 -2.30 -23.31 7.84
N TRP B 244 -2.42 -22.93 9.11
CA TRP B 244 -2.06 -23.83 10.23
C TRP B 244 -3.30 -24.55 10.78
N THR B 245 -4.46 -24.44 10.11
CA THR B 245 -5.67 -25.14 10.52
C THR B 245 -5.42 -26.66 10.62
N HIS B 246 -4.80 -27.25 9.59
CA HIS B 246 -4.57 -28.71 9.54
C HIS B 246 -3.58 -29.17 10.63
N LEU B 247 -2.87 -28.26 11.31
CA LEU B 247 -2.00 -28.64 12.42
C LEU B 247 -2.75 -28.49 13.75
N GLY B 248 -3.99 -27.98 13.70
CA GLY B 248 -4.79 -27.76 14.90
C GLY B 248 -4.22 -26.66 15.79
N ILE B 249 -3.50 -25.71 15.17
CA ILE B 249 -2.89 -24.55 15.88
C ILE B 249 -3.53 -23.25 15.35
N GLU B 250 -4.14 -22.48 16.26
CA GLU B 250 -4.79 -21.23 15.92
C GLU B 250 -3.90 -20.10 16.41
N PRO B 251 -3.54 -19.14 15.54
CA PRO B 251 -2.79 -17.98 15.98
C PRO B 251 -3.72 -16.98 16.68
N ASP B 252 -3.12 -15.90 17.17
CA ASP B 252 -3.83 -14.76 17.71
C ASP B 252 -4.15 -13.77 16.55
N LEU B 253 -3.17 -13.53 15.69
CA LEU B 253 -3.26 -12.63 14.51
C LEU B 253 -2.84 -13.43 13.29
N SER B 254 -3.47 -13.18 12.15
CA SER B 254 -2.99 -13.69 10.87
C SER B 254 -2.99 -12.55 9.86
N CYS B 255 -1.97 -12.52 9.02
CA CYS B 255 -1.79 -11.54 7.99
C CYS B 255 -2.09 -12.18 6.64
N TRP B 256 -2.82 -11.42 5.80
CA TRP B 256 -3.33 -11.91 4.51
C TRP B 256 -3.10 -10.84 3.45
N GLY B 257 -2.97 -11.30 2.20
CA GLY B 257 -2.79 -10.42 1.10
C GLY B 257 -2.68 -11.20 -0.19
N LYS B 258 -2.10 -10.55 -1.17
CA LYS B 258 -1.82 -11.10 -2.51
C LYS B 258 -3.11 -11.53 -3.22
N CYS B 259 -3.75 -12.64 -2.80
CA CYS B 259 -4.69 -13.28 -3.70
C CYS B 259 -6.16 -13.26 -3.25
N PHE B 260 -6.51 -12.66 -2.10
CA PHE B 260 -7.87 -12.84 -1.59
C PHE B 260 -8.84 -11.88 -2.30
N ALA B 261 -8.34 -11.03 -3.23
CA ALA B 261 -9.20 -10.36 -4.19
C ALA B 261 -8.71 -10.62 -5.63
N ASN B 262 -8.02 -11.76 -5.81
CA ASN B 262 -7.63 -12.25 -7.16
C ASN B 262 -6.88 -11.20 -7.99
N GLY B 263 -6.04 -10.36 -7.33
CA GLY B 263 -5.24 -9.36 -8.08
C GLY B 263 -5.57 -7.90 -7.74
N TYR B 264 -6.77 -7.66 -7.22
CA TYR B 264 -7.14 -6.33 -6.73
C TYR B 264 -6.31 -6.06 -5.49
N PRO B 265 -5.82 -4.82 -5.28
CA PRO B 265 -4.88 -4.55 -4.19
C PRO B 265 -5.60 -4.34 -2.86
N ILE B 266 -5.50 -5.34 -1.99
CA ILE B 266 -6.03 -5.27 -0.66
C ILE B 266 -5.32 -6.34 0.19
N SER B 267 -5.12 -6.01 1.46
CA SER B 267 -4.46 -6.90 2.45
C SER B 267 -5.25 -6.78 3.74
N ALA B 268 -5.01 -7.69 4.68
CA ALA B 268 -5.79 -7.72 5.88
C ALA B 268 -4.97 -8.21 7.07
N LEU B 269 -5.39 -7.74 8.24
CA LEU B 269 -5.01 -8.29 9.50
C LEU B 269 -6.27 -8.83 10.19
N LEU B 270 -6.25 -10.12 10.51
CA LEU B 270 -7.33 -10.83 11.17
C LEU B 270 -6.90 -11.13 12.60
N GLY B 271 -7.74 -10.82 13.59
CA GLY B 271 -7.35 -10.92 14.99
C GLY B 271 -8.46 -11.45 15.88
N SER B 272 -8.03 -12.08 16.98
CA SER B 272 -8.91 -12.56 18.05
CA SER B 272 -8.95 -12.55 18.03
C SER B 272 -9.27 -11.38 18.95
N ASN B 273 -10.37 -11.52 19.68
CA ASN B 273 -10.82 -10.51 20.67
C ASN B 273 -9.74 -10.20 21.73
N LYS B 274 -8.87 -11.17 22.04
CA LYS B 274 -7.75 -10.94 22.97
C LYS B 274 -6.99 -9.66 22.57
N ALA B 275 -6.84 -9.44 21.26
CA ALA B 275 -6.02 -8.37 20.70
C ALA B 275 -6.82 -7.13 20.27
N ARG B 276 -8.13 -7.11 20.53
CA ARG B 276 -9.03 -6.08 19.96
C ARG B 276 -8.70 -4.69 20.55
N ASP B 277 -8.48 -4.60 21.86
CA ASP B 277 -8.19 -3.31 22.55
C ASP B 277 -6.91 -2.68 22.00
N ALA B 278 -5.84 -3.47 21.85
CA ALA B 278 -4.62 -2.95 21.27
C ALA B 278 -4.89 -2.50 19.81
N ALA B 279 -5.73 -3.22 19.08
CA ALA B 279 -6.03 -2.87 17.69
C ALA B 279 -6.67 -1.49 17.60
N ARG B 280 -7.44 -1.12 18.63
CA ARG B 280 -8.08 0.19 18.70
C ARG B 280 -7.10 1.28 19.13
N ASP B 281 -6.07 0.92 19.91
CA ASP B 281 -5.14 1.87 20.51
C ASP B 281 -4.15 2.39 19.47
N ILE B 282 -3.72 1.53 18.54
CA ILE B 282 -2.67 1.91 17.60
C ILE B 282 -3.26 2.84 16.54
N PHE B 283 -2.39 3.62 15.88
CA PHE B 283 -2.82 4.44 14.74
C PHE B 283 -2.14 3.95 13.46
N VAL B 284 -2.96 3.32 12.62
CA VAL B 284 -2.60 2.88 11.26
C VAL B 284 -3.69 3.34 10.28
N THR B 285 -3.26 3.76 9.10
CA THR B 285 -4.18 4.25 8.09
C THR B 285 -3.45 4.37 6.76
N GLY B 286 -4.26 4.54 5.72
CA GLY B 286 -3.78 4.91 4.39
C GLY B 286 -4.90 5.46 3.56
N SER B 287 -4.57 6.43 2.71
CA SER B 287 -5.46 7.10 1.72
C SER B 287 -6.36 6.10 0.98
N PHE B 288 -5.78 4.94 0.61
CA PHE B 288 -6.45 3.95 -0.26
C PHE B 288 -7.00 2.74 0.52
N TRP B 289 -6.85 2.73 1.86
CA TRP B 289 -7.20 1.55 2.66
C TRP B 289 -8.72 1.29 2.73
N PHE B 290 -9.54 2.30 2.41
CA PHE B 290 -10.96 2.25 2.60
C PHE B 290 -11.67 2.22 1.25
N SER B 291 -10.92 1.98 0.16
CA SER B 291 -11.47 1.93 -1.18
C SER B 291 -12.39 0.70 -1.38
N ALA B 292 -13.55 0.92 -2.00
CA ALA B 292 -14.60 -0.09 -2.10
C ALA B 292 -14.35 -1.14 -3.18
N VAL B 293 -13.75 -0.80 -4.32
CA VAL B 293 -13.77 -1.75 -5.43
C VAL B 293 -12.92 -2.96 -5.08
N PRO B 294 -11.72 -2.81 -4.46
CA PRO B 294 -10.96 -3.99 -4.04
C PRO B 294 -11.74 -4.79 -2.99
N MET B 295 -12.54 -4.12 -2.16
CA MET B 295 -13.36 -4.83 -1.20
C MET B 295 -14.48 -5.66 -1.87
N ALA B 296 -15.09 -5.14 -2.93
CA ALA B 296 -16.10 -5.86 -3.71
C ALA B 296 -15.46 -7.10 -4.38
N ALA B 297 -14.26 -6.93 -4.94
CA ALA B 297 -13.55 -8.06 -5.53
C ALA B 297 -13.23 -9.10 -4.46
N ALA B 298 -12.86 -8.65 -3.27
CA ALA B 298 -12.50 -9.54 -2.16
C ALA B 298 -13.72 -10.35 -1.73
N ILE B 299 -14.88 -9.68 -1.60
CA ILE B 299 -16.11 -10.37 -1.19
C ILE B 299 -16.41 -11.52 -2.18
N GLU B 300 -16.32 -11.25 -3.47
CA GLU B 300 -16.65 -12.25 -4.51
C GLU B 300 -15.59 -13.37 -4.54
N THR B 301 -14.30 -13.01 -4.37
CA THR B 301 -13.21 -14.01 -4.28
C THR B 301 -13.44 -14.94 -3.09
N LEU B 302 -13.74 -14.37 -1.93
CA LEU B 302 -14.01 -15.15 -0.73
C LEU B 302 -15.23 -16.07 -0.94
N ARG B 303 -16.28 -15.58 -1.61
CA ARG B 303 -17.45 -16.44 -1.90
C ARG B 303 -17.00 -17.66 -2.75
N ILE B 304 -16.22 -17.41 -3.79
CA ILE B 304 -15.75 -18.46 -4.69
C ILE B 304 -14.89 -19.47 -3.89
N ILE B 305 -14.09 -18.94 -2.95
CA ILE B 305 -13.24 -19.78 -2.11
C ILE B 305 -14.12 -20.72 -1.27
N ARG B 306 -15.21 -20.19 -0.69
CA ARG B 306 -16.08 -20.95 0.18
C ARG B 306 -16.95 -21.94 -0.61
N GLU B 307 -17.38 -21.57 -1.80
CA GLU B 307 -18.52 -22.26 -2.44
C GLU B 307 -18.09 -23.16 -3.59
N THR B 308 -16.81 -23.15 -3.99
CA THR B 308 -16.37 -23.90 -5.19
C THR B 308 -15.17 -24.77 -4.84
N PRO B 309 -14.87 -25.81 -5.65
CA PRO B 309 -13.70 -26.64 -5.40
C PRO B 309 -12.40 -26.07 -6.01
N TYR B 310 -12.19 -24.74 -5.92
CA TYR B 310 -11.02 -24.08 -6.51
C TYR B 310 -9.72 -24.70 -5.94
N LEU B 311 -9.69 -24.99 -4.63
CA LEU B 311 -8.46 -25.46 -3.94
C LEU B 311 -8.07 -26.87 -4.44
N GLU B 312 -9.07 -27.74 -4.54
CA GLU B 312 -8.86 -29.10 -5.01
C GLU B 312 -8.39 -29.06 -6.45
N THR B 313 -8.92 -28.12 -7.25
CA THR B 313 -8.50 -28.00 -8.63
C THR B 313 -7.01 -27.63 -8.72
N LEU B 314 -6.57 -26.59 -8.00
CA LEU B 314 -5.17 -26.17 -8.17
C LEU B 314 -4.20 -27.16 -7.50
N ILE B 315 -4.62 -27.84 -6.45
CA ILE B 315 -3.81 -28.91 -5.86
C ILE B 315 -3.60 -30.08 -6.85
N ALA B 316 -4.68 -30.50 -7.55
CA ALA B 316 -4.60 -31.60 -8.57
C ALA B 316 -3.67 -31.23 -9.71
N SER B 317 -3.77 -29.97 -10.17
CA SER B 317 -2.86 -29.48 -11.21
C SER B 317 -1.41 -29.51 -10.73
N GLY B 318 -1.16 -28.94 -9.54
CA GLY B 318 0.20 -28.98 -8.96
C GLY B 318 0.74 -30.39 -8.80
N ALA B 319 -0.11 -31.31 -8.33
CA ALA B 319 0.26 -32.71 -8.07
C ALA B 319 0.62 -33.38 -9.41
N ALA B 320 -0.12 -33.08 -10.48
CA ALA B 320 0.14 -33.66 -11.79
C ALA B 320 1.47 -33.13 -12.35
N LEU B 321 1.70 -31.82 -12.22
CA LEU B 321 2.96 -31.24 -12.70
C LEU B 321 4.14 -31.87 -11.94
N ARG B 322 4.00 -32.05 -10.63
CA ARG B 322 5.06 -32.56 -9.81
C ARG B 322 5.41 -34.00 -10.23
N ALA B 323 4.39 -34.86 -10.36
CA ALA B 323 4.62 -36.27 -10.74
C ALA B 323 5.23 -36.35 -12.13
N GLY B 324 4.71 -35.53 -13.06
CA GLY B 324 5.23 -35.45 -14.41
C GLY B 324 6.70 -35.09 -14.44
N LEU B 325 7.09 -34.07 -13.66
CA LEU B 325 8.49 -33.57 -13.71
C LEU B 325 9.45 -34.58 -13.04
N GLU B 326 8.95 -35.27 -12.01
CA GLU B 326 9.72 -36.33 -11.32
C GLU B 326 10.09 -37.42 -12.33
N ALA B 327 9.09 -37.93 -13.07
CA ALA B 327 9.26 -38.98 -14.08
C ALA B 327 10.20 -38.48 -15.17
N GLN B 328 9.95 -37.26 -15.63
CA GLN B 328 10.69 -36.72 -16.77
C GLN B 328 12.17 -36.56 -16.43
N SER B 329 12.45 -35.88 -15.30
CA SER B 329 13.80 -35.63 -14.86
C SER B 329 14.56 -36.97 -14.76
N GLN B 330 13.93 -37.98 -14.17
CA GLN B 330 14.58 -39.25 -13.95
C GLN B 330 14.95 -39.86 -15.30
N ARG B 331 14.01 -39.91 -16.24
CA ARG B 331 14.25 -40.42 -17.62
C ARG B 331 15.48 -39.74 -18.25
N HIS B 332 15.64 -38.43 -18.05
CA HIS B 332 16.77 -37.68 -18.60
C HIS B 332 18.04 -37.84 -17.73
N GLY B 333 17.96 -38.45 -16.55
CA GLY B 333 19.15 -38.68 -15.68
C GLY B 333 19.55 -37.45 -14.85
N LEU B 334 18.64 -36.48 -14.68
CA LEU B 334 18.86 -35.33 -13.84
C LEU B 334 17.92 -35.45 -12.64
N GLU B 335 18.41 -35.14 -11.45
CA GLU B 335 17.58 -35.17 -10.30
C GLU B 335 17.12 -33.74 -9.93
N LEU B 336 15.81 -33.61 -9.70
CA LEU B 336 15.19 -32.40 -9.21
C LEU B 336 14.99 -32.47 -7.71
N LYS B 337 14.93 -31.28 -7.10
CA LYS B 337 14.50 -31.13 -5.75
C LYS B 337 13.19 -30.34 -5.83
N GLN B 338 12.06 -31.02 -5.75
CA GLN B 338 10.75 -30.34 -5.79
C GLN B 338 10.24 -30.28 -4.36
N THR B 339 10.17 -29.08 -3.78
CA THR B 339 9.95 -28.95 -2.35
C THR B 339 8.79 -28.00 -2.11
N GLY B 340 8.21 -28.13 -0.91
CA GLY B 340 7.04 -27.41 -0.50
C GLY B 340 5.78 -28.04 -1.08
N PRO B 341 4.60 -27.45 -0.83
CA PRO B 341 3.36 -27.98 -1.38
C PRO B 341 3.42 -27.98 -2.90
N ALA B 342 2.83 -29.00 -3.53
CA ALA B 342 2.82 -29.10 -4.98
C ALA B 342 2.15 -27.87 -5.62
N GLN B 343 1.22 -27.23 -4.89
CA GLN B 343 0.46 -26.07 -5.40
C GLN B 343 1.28 -24.79 -5.29
N MET B 344 2.41 -24.81 -4.55
CA MET B 344 3.31 -23.66 -4.42
C MET B 344 4.76 -24.13 -4.46
N PRO B 345 5.19 -24.76 -5.57
CA PRO B 345 6.43 -25.54 -5.56
C PRO B 345 7.70 -24.72 -5.77
N GLN B 346 8.78 -25.18 -5.12
CA GLN B 346 10.13 -24.78 -5.43
C GLN B 346 10.73 -25.93 -6.24
N ILE B 347 11.25 -25.63 -7.43
CA ILE B 347 11.74 -26.67 -8.34
C ILE B 347 13.19 -26.34 -8.68
N PHE B 348 14.10 -26.99 -7.97
CA PHE B 348 15.52 -26.81 -8.16
C PHE B 348 16.15 -28.12 -8.68
N PHE B 349 17.41 -28.03 -9.08
CA PHE B 349 18.20 -29.21 -9.44
C PHE B 349 19.11 -29.60 -8.27
N ALA B 350 19.21 -30.92 -8.07
CA ALA B 350 20.20 -31.51 -7.18
C ALA B 350 21.59 -31.11 -7.70
N ASP B 351 22.51 -30.84 -6.77
CA ASP B 351 23.92 -30.65 -7.08
C ASP B 351 24.11 -29.48 -8.04
N ASP B 352 23.41 -28.38 -7.77
CA ASP B 352 23.41 -27.22 -8.64
C ASP B 352 23.65 -25.99 -7.79
N PRO B 353 24.81 -25.90 -7.10
CA PRO B 353 25.02 -24.87 -6.08
C PRO B 353 24.98 -23.43 -6.60
N ASP B 354 25.33 -23.19 -7.87
CA ASP B 354 25.37 -21.83 -8.39
C ASP B 354 24.19 -21.59 -9.37
N PHE B 355 23.25 -22.54 -9.37
CA PHE B 355 21.94 -22.44 -10.09
C PHE B 355 22.13 -22.43 -11.63
N ARG B 356 23.32 -22.81 -12.13
CA ARG B 356 23.55 -22.67 -13.56
C ARG B 356 22.65 -23.65 -14.32
N ILE B 357 22.38 -24.83 -13.74
CA ILE B 357 21.52 -25.79 -14.39
C ILE B 357 20.08 -25.28 -14.36
N GLY B 358 19.59 -24.92 -13.17
CA GLY B 358 18.23 -24.43 -13.00
C GLY B 358 17.91 -23.23 -13.88
N TYR B 359 18.90 -22.35 -14.03
CA TYR B 359 18.77 -21.16 -14.86
C TYR B 359 18.64 -21.56 -16.33
N ALA B 360 19.52 -22.45 -16.81
CA ALA B 360 19.43 -22.91 -18.21
C ALA B 360 18.06 -23.57 -18.48
N TRP B 361 17.58 -24.38 -17.53
CA TRP B 361 16.35 -25.13 -17.71
C TRP B 361 15.16 -24.16 -17.81
N ALA B 362 15.10 -23.21 -16.87
CA ALA B 362 14.03 -22.22 -16.80
C ALA B 362 13.99 -21.44 -18.10
N ALA B 363 15.16 -20.98 -18.53
CA ALA B 363 15.29 -20.25 -19.79
C ALA B 363 14.77 -21.08 -20.98
N ALA B 364 15.15 -22.37 -21.03
CA ALA B 364 14.71 -23.30 -22.09
C ALA B 364 13.20 -23.50 -22.03
N CYS B 365 12.60 -23.49 -20.83
CA CYS B 365 11.10 -23.55 -20.70
C CYS B 365 10.40 -22.34 -21.36
N LEU B 366 10.98 -21.15 -21.22
CA LEU B 366 10.43 -19.94 -21.82
C LEU B 366 10.26 -20.12 -23.32
N LYS B 367 11.25 -20.70 -23.99
CA LYS B 367 11.24 -20.87 -25.43
C LYS B 367 10.06 -21.74 -25.86
N GLY B 368 9.61 -22.61 -24.96
CA GLY B 368 8.46 -23.47 -25.17
C GLY B 368 7.14 -22.90 -24.65
N GLY B 369 7.10 -21.63 -24.22
CA GLY B 369 5.83 -21.03 -23.81
C GLY B 369 5.43 -21.38 -22.38
N VAL B 370 6.42 -21.65 -21.52
CA VAL B 370 6.23 -21.94 -20.09
C VAL B 370 7.11 -20.98 -19.28
N TYR B 371 6.49 -20.28 -18.32
CA TYR B 371 7.18 -19.36 -17.40
C TYR B 371 7.30 -20.07 -16.04
N VAL B 372 8.51 -20.52 -15.75
CA VAL B 372 8.90 -21.09 -14.46
C VAL B 372 10.14 -20.34 -13.97
N HIS B 373 10.38 -20.46 -12.65
CA HIS B 373 11.28 -19.60 -11.92
C HIS B 373 12.37 -20.47 -11.30
N PRO B 374 13.65 -20.15 -11.54
CA PRO B 374 14.74 -20.95 -10.97
C PRO B 374 15.12 -20.66 -9.51
N TYR B 375 14.55 -19.66 -8.83
CA TYR B 375 15.00 -19.44 -7.40
C TYR B 375 13.86 -19.07 -6.45
N HIS B 376 12.68 -18.76 -6.99
CA HIS B 376 11.52 -18.32 -6.21
C HIS B 376 10.43 -19.37 -6.37
N ASN B 377 9.68 -19.63 -5.30
CA ASN B 377 8.61 -20.58 -5.41
C ASN B 377 7.59 -20.12 -6.47
N MET B 378 6.96 -21.14 -7.07
CA MET B 378 5.91 -20.95 -8.04
C MET B 378 4.56 -21.13 -7.37
N PHE B 379 3.48 -21.00 -8.14
CA PHE B 379 2.11 -21.04 -7.65
C PHE B 379 1.22 -21.62 -8.75
N LEU B 380 0.19 -22.38 -8.34
CA LEU B 380 -0.84 -22.86 -9.24
C LEU B 380 -2.09 -22.00 -9.02
N SER B 381 -2.86 -21.79 -10.09
CA SER B 381 -4.19 -21.14 -10.02
C SER B 381 -5.27 -22.18 -10.30
N ALA B 382 -6.52 -21.88 -9.94
CA ALA B 382 -7.66 -22.75 -10.29
C ALA B 382 -7.93 -22.66 -11.80
N ALA B 383 -7.24 -21.77 -12.54
CA ALA B 383 -7.44 -21.64 -13.96
C ALA B 383 -6.50 -22.53 -14.76
N HIS B 384 -5.47 -23.12 -14.12
CA HIS B 384 -4.61 -24.07 -14.80
C HIS B 384 -5.40 -25.38 -15.00
N THR B 385 -5.42 -25.88 -16.23
CA THR B 385 -6.18 -27.09 -16.59
C THR B 385 -5.24 -28.29 -16.70
N VAL B 386 -5.83 -29.48 -16.79
CA VAL B 386 -5.03 -30.69 -17.06
C VAL B 386 -4.33 -30.53 -18.41
N ASP B 387 -4.96 -29.94 -19.41
CA ASP B 387 -4.28 -29.78 -20.73
C ASP B 387 -3.12 -28.77 -20.62
N ASP B 388 -3.26 -27.72 -19.80
CA ASP B 388 -2.16 -26.81 -19.56
C ASP B 388 -0.95 -27.58 -19.02
N VAL B 389 -1.18 -28.51 -18.10
CA VAL B 389 -0.08 -29.28 -17.50
C VAL B 389 0.52 -30.20 -18.56
N THR B 390 -0.34 -30.82 -19.37
CA THR B 390 0.13 -31.66 -20.46
C THR B 390 1.02 -30.84 -21.40
N GLU B 391 0.55 -29.68 -21.82
CA GLU B 391 1.32 -28.84 -22.74
C GLU B 391 2.61 -28.38 -22.06
N THR B 392 2.53 -28.09 -20.75
CA THR B 392 3.71 -27.67 -20.00
C THR B 392 4.80 -28.76 -20.01
N LEU B 393 4.39 -30.02 -19.79
CA LEU B 393 5.32 -31.16 -19.72
C LEU B 393 5.99 -31.42 -21.07
N GLU B 394 5.34 -31.08 -22.18
CA GLU B 394 5.97 -31.16 -23.50
C GLU B 394 7.12 -30.16 -23.59
N ALA B 395 6.91 -28.94 -23.06
CA ALA B 395 7.93 -27.91 -23.11
C ALA B 395 9.07 -28.26 -22.14
N THR B 396 8.76 -28.76 -20.94
CA THR B 396 9.81 -29.11 -19.96
C THR B 396 10.69 -30.27 -20.48
N ASP B 397 10.08 -31.18 -21.24
CA ASP B 397 10.79 -32.27 -21.93
C ASP B 397 11.90 -31.69 -22.82
N ARG B 398 11.55 -30.74 -23.69
CA ARG B 398 12.52 -30.15 -24.57
C ARG B 398 13.55 -29.34 -23.77
N ALA B 399 13.12 -28.77 -22.64
CA ALA B 399 14.05 -28.03 -21.76
C ALA B 399 15.09 -28.98 -21.16
N PHE B 400 14.65 -30.12 -20.62
CA PHE B 400 15.59 -31.09 -20.07
C PHE B 400 16.60 -31.50 -21.16
N SER B 401 16.14 -31.68 -22.40
CA SER B 401 17.01 -32.09 -23.50
C SER B 401 18.03 -30.98 -23.80
N ALA B 402 17.59 -29.72 -23.71
CA ALA B 402 18.45 -28.57 -24.00
C ALA B 402 19.56 -28.47 -22.94
N VAL B 403 19.22 -28.74 -21.69
CA VAL B 403 20.18 -28.70 -20.60
C VAL B 403 21.23 -29.80 -20.80
N LEU B 404 20.79 -31.02 -21.10
CA LEU B 404 21.69 -32.17 -21.34
C LEU B 404 22.63 -31.86 -22.50
N ARG B 405 22.08 -31.38 -23.61
CA ARG B 405 22.81 -30.97 -24.80
C ARG B 405 23.88 -29.92 -24.51
N ASP B 406 23.54 -28.85 -23.77
CA ASP B 406 24.47 -27.74 -23.60
C ASP B 406 25.29 -27.92 -22.30
N PHE B 407 25.21 -29.10 -21.67
CA PHE B 407 25.59 -29.27 -20.25
C PHE B 407 26.99 -28.71 -19.99
N ALA B 408 27.98 -29.12 -20.81
CA ALA B 408 29.40 -28.76 -20.58
C ALA B 408 29.63 -27.23 -20.63
N SER B 409 28.71 -26.50 -21.25
CA SER B 409 28.95 -25.10 -21.53
C SER B 409 28.14 -24.18 -20.59
N LEU B 410 27.40 -24.78 -19.64
CA LEU B 410 26.57 -24.01 -18.69
C LEU B 410 27.48 -23.08 -17.87
N GLN B 411 27.09 -21.80 -17.75
CA GLN B 411 27.82 -20.80 -16.95
C GLN B 411 26.86 -20.18 -15.95
N PRO B 412 27.30 -19.84 -14.71
CA PRO B 412 26.40 -19.25 -13.72
C PRO B 412 26.00 -17.81 -14.11
N HIS B 413 24.91 -17.30 -13.56
CA HIS B 413 24.45 -15.94 -13.90
C HIS B 413 25.48 -14.91 -13.42
N PRO B 414 25.88 -13.91 -14.27
CA PRO B 414 26.96 -12.99 -13.89
C PRO B 414 26.73 -12.36 -12.50
N ILE B 415 25.60 -11.63 -12.36
CA ILE B 415 25.32 -10.77 -11.20
C ILE B 415 25.15 -11.63 -9.94
N LEU B 416 24.54 -12.80 -10.10
CA LEU B 416 24.51 -13.86 -9.10
C LEU B 416 25.83 -14.64 -9.14
N1 PLP C . 2.29 12.47 3.41
C2 PLP C . 1.32 13.41 3.46
C2A PLP C . 1.64 14.88 3.41
C3 PLP C . -0.07 12.99 3.49
O3 PLP C . -1.07 13.90 3.53
C4 PLP C . -0.39 11.54 3.48
C4A PLP C . -1.83 11.15 3.49
C5 PLP C . 0.77 10.60 3.48
C6 PLP C . 2.06 11.14 3.42
C5A PLP C . 0.61 9.08 3.49
O4P PLP C . -0.19 8.63 2.36
P PLP C . -1.01 7.28 2.64
O1P PLP C . -2.07 7.58 3.60
O2P PLP C . -0.02 6.33 3.23
O3P PLP C . -1.51 6.97 1.24
MG MG D . 11.80 15.95 -15.26
N1 PLP E . 4.71 -11.66 3.94
C2 PLP E . 4.96 -12.65 3.05
C2A PLP E . 5.08 -14.08 3.52
C3 PLP E . 5.10 -12.37 1.61
O3 PLP E . 5.35 -13.39 0.73
C4 PLP E . 4.93 -11.00 1.12
C4A PLP E . 5.03 -10.74 -0.36
C5 PLP E . 4.68 -9.98 2.19
C6 PLP E . 4.58 -10.37 3.53
C5A PLP E . 4.52 -8.53 1.86
O4P PLP E . 3.44 -8.29 0.96
P PLP E . 3.57 -7.01 -0.02
O1P PLP E . 2.16 -6.94 -0.59
O2P PLP E . 3.97 -5.83 0.86
O3P PLP E . 4.58 -7.30 -1.08
MG MG F . -13.98 -16.30 12.94
#